data_6DVR
#
_entry.id   6DVR
#
_cell.length_a   74.366
_cell.length_b   98.579
_cell.length_c   207.375
_cell.angle_alpha   90.000
_cell.angle_beta   90.000
_cell.angle_gamma   90.000
#
_symmetry.space_group_name_H-M   'I 2 2 2'
#
loop_
_entity.id
_entity.type
_entity.pdbx_description
1 polymer 'Histone-arginine methyltransferase CARM1'
2 non-polymer '(2R,5S)-2-amino-6-[(2R,3S,4R,5R)-5-(6-amino-9H-purin-9-yl)-3,4-dihydroxytetrahydrofuran-2-yl]-5-[(benzylamino)methyl]-N-[2-(4-methoxyphenyl)ethyl]hexanamide (non-preferred name)'
3 non-polymer 2,5,8,11,14,17-HEXAOXANONADECAN-19-OL
4 non-polymer 'UNKNOWN ATOM OR ION'
5 water water
#
_entity_poly.entity_id   1
_entity_poly.type   'polypeptide(L)'
_entity_poly.pdbx_seq_one_letter_code
;AVQYFQFYGYLSQQQNMMQDYVRTGTYQRAILQNHTDFKDKIVLDVGCGSGILSFFAAQAGARKIYAVEASTMAQHAEVL
VKSNNLTDRIVVIPGKVEEVSLPEQVDIIISEPMGYMLFNERMLESYLHAKKYLKPSGNMFPTIGDVHLAPFTDEQLYME
QFTKANFWYQPSFHGVDLSALRGAAVDEYFRQPVVDTFDIRILMAKSVKYTVNFLEAKEGDLHRIEIPFKFHMLHSGLVH
GLAFWFDVAFIGSIMTVWLSTAPTEPLTHWYQVRCLFQSPLFAKAGDTLSGTCLLIANKRQSYDISIVAQVDQTGSKSSN
LLDLKNPFFRYTGTTPSPPPGSHY
;
_entity_poly.pdbx_strand_id   A,B
#
loop_
_chem_comp.id
_chem_comp.type
_chem_comp.name
_chem_comp.formula
HDG non-polymer '(2R,5S)-2-amino-6-[(2R,3S,4R,5R)-5-(6-amino-9H-purin-9-yl)-3,4-dihydroxytetrahydrofuran-2-yl]-5-[(benzylamino)methyl]-N-[2-(4-methoxyphenyl)ethyl]hexanamide (non-preferred name)' 'C32 H42 N8 O5'
P15 non-polymer 2,5,8,11,14,17-HEXAOXANONADECAN-19-OL 'C13 H28 O7'
UNX non-polymer 'UNKNOWN ATOM OR ION' ?
#
# COMPACT_ATOMS: atom_id res chain seq x y z
N GLN A 3 -10.38 4.76 -4.80
CA GLN A 3 -9.19 4.62 -3.89
C GLN A 3 -8.06 5.52 -4.39
N TYR A 4 -7.84 5.53 -5.71
CA TYR A 4 -6.74 6.28 -6.33
C TYR A 4 -6.82 7.76 -5.94
N PHE A 5 -7.95 8.40 -6.24
CA PHE A 5 -8.11 9.83 -5.93
C PHE A 5 -8.31 10.04 -4.43
N GLN A 6 -8.81 9.05 -3.70
CA GLN A 6 -8.94 9.19 -2.24
C GLN A 6 -7.55 9.36 -1.61
N PHE A 7 -6.59 8.57 -2.08
CA PHE A 7 -5.20 8.65 -1.62
C PHE A 7 -4.65 10.08 -1.74
N TYR A 8 -4.98 10.75 -2.83
CA TYR A 8 -4.39 12.04 -3.16
C TYR A 8 -5.12 13.18 -2.42
N GLY A 9 -6.23 12.85 -1.76
CA GLY A 9 -6.97 13.81 -0.97
C GLY A 9 -6.33 14.07 0.38
N TYR A 10 -5.31 13.29 0.76
CA TYR A 10 -4.57 13.50 2.01
C TYR A 10 -3.45 14.53 1.82
N LEU A 11 -3.44 15.53 2.70
CA LEU A 11 -2.39 16.53 2.74
C LEU A 11 -1.03 15.87 2.98
N SER A 12 -0.98 14.78 3.74
CA SER A 12 0.31 14.14 4.03
C SER A 12 0.98 13.63 2.74
N GLN A 13 0.18 13.06 1.84
N GLN A 13 0.21 13.07 1.81
CA GLN A 13 0.69 12.52 0.57
CA GLN A 13 0.83 12.51 0.61
C GLN A 13 1.23 13.66 -0.30
C GLN A 13 1.22 13.64 -0.36
N GLN A 14 0.46 14.74 -0.39
CA GLN A 14 0.87 15.89 -1.19
C GLN A 14 2.15 16.50 -0.60
N GLN A 15 2.22 16.56 0.73
CA GLN A 15 3.39 17.07 1.43
C GLN A 15 4.62 16.21 1.11
N ASN A 16 4.47 14.90 1.08
CA ASN A 16 5.58 14.01 0.77
C ASN A 16 6.20 14.37 -0.58
N MET A 17 5.35 14.68 -1.56
CA MET A 17 5.83 15.06 -2.89
C MET A 17 6.39 16.48 -2.88
N MET A 18 5.75 17.40 -2.16
CA MET A 18 6.24 18.81 -2.09
C MET A 18 7.61 18.90 -1.41
N GLN A 19 7.81 18.14 -0.33
N GLN A 19 7.79 18.13 -0.33
CA GLN A 19 9.05 18.22 0.42
CA GLN A 19 9.03 18.15 0.44
C GLN A 19 10.16 17.41 -0.27
C GLN A 19 10.18 17.47 -0.32
N ASP A 20 9.85 16.73 -1.38
CA ASP A 20 10.86 16.09 -2.21
C ASP A 20 11.55 17.15 -3.07
N TYR A 21 12.74 17.56 -2.65
CA TYR A 21 13.37 18.72 -3.27
C TYR A 21 13.73 18.46 -4.74
N VAL A 22 14.08 17.22 -5.11
CA VAL A 22 14.44 16.98 -6.52
C VAL A 22 13.21 17.16 -7.41
N ARG A 23 12.02 16.88 -6.91
CA ARG A 23 10.79 17.25 -7.61
C ARG A 23 10.64 18.78 -7.60
N THR A 24 10.37 19.34 -6.43
CA THR A 24 9.85 20.70 -6.31
C THR A 24 10.92 21.70 -6.75
N GLY A 25 12.17 21.48 -6.32
CA GLY A 25 13.25 22.38 -6.67
C GLY A 25 13.53 22.39 -8.17
N THR A 26 13.52 21.22 -8.79
CA THR A 26 13.86 21.12 -10.21
C THR A 26 12.78 21.80 -11.06
N TYR A 27 11.52 21.56 -10.71
CA TYR A 27 10.40 22.19 -11.41
C TYR A 27 10.49 23.71 -11.26
N GLN A 28 10.74 24.19 -10.04
CA GLN A 28 10.81 25.64 -9.83
C GLN A 28 11.93 26.21 -10.70
N ARG A 29 13.10 25.59 -10.71
CA ARG A 29 14.21 26.10 -11.53
C ARG A 29 13.82 26.09 -13.01
N ALA A 30 13.19 25.00 -13.47
CA ALA A 30 12.86 24.88 -14.88
C ALA A 30 11.90 26.01 -15.29
N ILE A 31 10.97 26.36 -14.41
CA ILE A 31 9.96 27.35 -14.71
C ILE A 31 10.57 28.76 -14.62
N LEU A 32 11.26 29.06 -13.53
CA LEU A 32 11.76 30.44 -13.29
C LEU A 32 12.91 30.76 -14.24
N GLN A 33 13.76 29.80 -14.59
CA GLN A 33 14.88 30.06 -15.52
C GLN A 33 14.35 30.16 -16.97
N ASN A 34 13.12 29.74 -17.21
CA ASN A 34 12.49 29.89 -18.54
C ASN A 34 11.29 30.84 -18.42
N HIS A 35 11.49 31.97 -17.73
CA HIS A 35 10.38 32.91 -17.44
C HIS A 35 9.71 33.40 -18.73
N THR A 36 10.43 33.48 -19.84
CA THR A 36 9.84 33.94 -21.11
C THR A 36 8.80 32.93 -21.64
N ASP A 37 8.87 31.67 -21.21
N ASP A 37 8.85 31.68 -21.20
CA ASP A 37 7.88 30.65 -21.55
CA ASP A 37 7.85 30.71 -21.62
C ASP A 37 6.56 30.88 -20.78
C ASP A 37 6.60 30.81 -20.74
N PHE A 38 6.62 31.65 -19.69
CA PHE A 38 5.47 31.83 -18.79
C PHE A 38 4.97 33.27 -18.72
N LYS A 39 5.82 34.27 -18.91
CA LYS A 39 5.42 35.68 -18.69
C LYS A 39 4.27 36.04 -19.63
N ASP A 40 3.15 36.46 -19.03
CA ASP A 40 1.92 36.88 -19.73
C ASP A 40 1.33 35.73 -20.56
N LYS A 41 1.65 34.47 -20.21
CA LYS A 41 1.16 33.32 -20.98
C LYS A 41 0.00 32.65 -20.24
N ILE A 42 -0.68 31.76 -20.97
CA ILE A 42 -1.79 30.98 -20.44
CA ILE A 42 -1.80 30.97 -20.47
C ILE A 42 -1.28 29.56 -20.19
N VAL A 43 -1.51 29.06 -18.98
CA VAL A 43 -0.91 27.76 -18.55
C VAL A 43 -2.02 26.79 -18.14
N LEU A 44 -1.80 25.50 -18.44
CA LEU A 44 -2.62 24.43 -17.88
C LEU A 44 -1.73 23.56 -16.97
N ASP A 45 -2.14 23.39 -15.72
CA ASP A 45 -1.43 22.53 -14.75
C ASP A 45 -2.26 21.25 -14.55
N VAL A 46 -1.75 20.12 -15.04
CA VAL A 46 -2.50 18.87 -15.02
C VAL A 46 -2.18 18.09 -13.74
N GLY A 47 -3.20 17.85 -12.92
CA GLY A 47 -3.06 17.13 -11.63
C GLY A 47 -2.25 17.97 -10.65
N CYS A 48 -2.78 19.14 -10.34
CA CYS A 48 -1.99 20.16 -9.67
C CYS A 48 -1.74 19.83 -8.20
N GLY A 49 -2.53 18.93 -7.61
CA GLY A 49 -2.45 18.65 -6.18
C GLY A 49 -2.71 19.91 -5.37
N SER A 50 -1.73 20.28 -4.55
CA SER A 50 -1.80 21.47 -3.69
C SER A 50 -1.85 22.75 -4.53
N GLY A 51 -1.36 22.67 -5.77
CA GLY A 51 -1.27 23.79 -6.68
C GLY A 51 0.14 24.34 -6.82
N ILE A 52 1.13 23.69 -6.18
CA ILE A 52 2.51 24.19 -6.12
C ILE A 52 3.04 24.64 -7.50
N LEU A 53 2.88 23.85 -8.56
CA LEU A 53 3.48 24.25 -9.85
C LEU A 53 2.77 25.48 -10.41
N SER A 54 1.48 25.60 -10.13
CA SER A 54 0.70 26.75 -10.57
C SER A 54 1.22 28.01 -9.90
N PHE A 55 1.59 27.90 -8.62
CA PHE A 55 2.21 29.02 -7.93
C PHE A 55 3.55 29.38 -8.59
N PHE A 56 4.31 28.39 -9.06
CA PHE A 56 5.58 28.68 -9.71
C PHE A 56 5.32 29.37 -11.06
N ALA A 57 4.29 28.95 -11.79
CA ALA A 57 3.94 29.60 -13.06
C ALA A 57 3.59 31.07 -12.81
N ALA A 58 2.86 31.34 -11.72
CA ALA A 58 2.48 32.71 -11.34
C ALA A 58 3.72 33.51 -10.94
N GLN A 59 4.67 32.89 -10.24
CA GLN A 59 5.95 33.54 -9.89
C GLN A 59 6.70 33.97 -11.17
N ALA A 60 6.53 33.20 -12.24
CA ALA A 60 7.20 33.46 -13.50
C ALA A 60 6.39 34.44 -14.37
N GLY A 61 5.23 34.88 -13.87
CA GLY A 61 4.50 36.01 -14.49
C GLY A 61 3.36 35.57 -15.40
N ALA A 62 2.88 34.33 -15.26
CA ALA A 62 1.79 33.85 -16.10
C ALA A 62 0.55 34.74 -15.91
N ARG A 63 -0.17 34.95 -17.01
CA ARG A 63 -1.37 35.75 -17.01
C ARG A 63 -2.52 34.96 -16.36
N LYS A 64 -2.62 33.67 -16.71
CA LYS A 64 -3.75 32.85 -16.27
C LYS A 64 -3.28 31.39 -16.23
N ILE A 65 -3.58 30.71 -15.14
CA ILE A 65 -3.25 29.30 -14.97
C ILE A 65 -4.54 28.54 -14.65
N TYR A 66 -4.87 27.54 -15.45
CA TYR A 66 -5.95 26.63 -15.16
C TYR A 66 -5.34 25.42 -14.47
N ALA A 67 -5.67 25.24 -13.19
CA ALA A 67 -5.08 24.19 -12.35
C ALA A 67 -6.13 23.09 -12.14
N VAL A 68 -5.91 21.92 -12.75
CA VAL A 68 -6.93 20.89 -12.77
C VAL A 68 -6.50 19.79 -11.81
N GLU A 69 -7.42 19.39 -10.94
CA GLU A 69 -7.15 18.39 -9.91
C GLU A 69 -8.43 17.57 -9.68
N ALA A 70 -8.30 16.24 -9.79
CA ALA A 70 -9.46 15.34 -9.76
C ALA A 70 -9.81 14.88 -8.33
N SER A 71 -8.86 14.94 -7.39
CA SER A 71 -9.14 14.54 -6.00
C SER A 71 -9.72 15.72 -5.21
N THR A 72 -10.06 15.46 -3.94
CA THR A 72 -10.60 16.49 -3.05
C THR A 72 -9.50 17.48 -2.63
N MET A 73 -8.24 17.21 -2.98
CA MET A 73 -7.17 18.17 -2.77
C MET A 73 -7.48 19.48 -3.52
N ALA A 74 -8.34 19.45 -4.53
CA ALA A 74 -8.71 20.67 -5.28
C ALA A 74 -9.33 21.72 -4.33
N GLN A 75 -10.07 21.24 -3.33
CA GLN A 75 -10.65 22.13 -2.30
C GLN A 75 -9.53 22.88 -1.55
N HIS A 76 -8.47 22.16 -1.18
CA HIS A 76 -7.34 22.74 -0.47
C HIS A 76 -6.54 23.67 -1.38
N ALA A 77 -6.38 23.29 -2.66
CA ALA A 77 -5.70 24.16 -3.60
C ALA A 77 -6.42 25.52 -3.69
N GLU A 78 -7.75 25.48 -3.70
CA GLU A 78 -8.55 26.69 -3.83
C GLU A 78 -8.31 27.60 -2.61
N VAL A 79 -8.26 26.98 -1.43
CA VAL A 79 -7.97 27.70 -0.18
C VAL A 79 -6.61 28.38 -0.28
N LEU A 80 -5.60 27.70 -0.82
CA LEU A 80 -4.28 28.30 -0.98
C LEU A 80 -4.30 29.42 -2.01
N VAL A 81 -4.99 29.25 -3.13
CA VAL A 81 -5.03 30.29 -4.15
C VAL A 81 -5.60 31.58 -3.54
N LYS A 82 -6.70 31.46 -2.81
N LYS A 82 -6.68 31.46 -2.78
CA LYS A 82 -7.32 32.61 -2.15
CA LYS A 82 -7.37 32.62 -2.23
C LYS A 82 -6.30 33.22 -1.17
C LYS A 82 -6.52 33.25 -1.11
N SER A 83 -5.84 32.40 -0.24
N SER A 83 -5.78 32.43 -0.38
CA SER A 83 -4.89 32.83 0.79
CA SER A 83 -4.98 32.92 0.74
C SER A 83 -3.74 33.63 0.18
C SER A 83 -3.66 33.55 0.25
N ASN A 84 -3.23 33.20 -0.98
CA ASN A 84 -2.07 33.80 -1.61
C ASN A 84 -2.48 34.93 -2.56
N ASN A 85 -3.77 35.30 -2.56
CA ASN A 85 -4.28 36.47 -3.25
C ASN A 85 -4.06 36.33 -4.76
N LEU A 86 -4.31 35.14 -5.30
CA LEU A 86 -4.03 34.89 -6.70
C LEU A 86 -5.29 34.43 -7.44
N THR A 87 -6.46 34.74 -6.91
CA THR A 87 -7.72 34.26 -7.51
C THR A 87 -7.89 34.82 -8.93
N ASP A 88 -7.27 35.96 -9.24
CA ASP A 88 -7.38 36.59 -10.56
C ASP A 88 -6.48 35.90 -11.59
N ARG A 89 -5.57 35.02 -11.15
CA ARG A 89 -4.55 34.47 -12.03
C ARG A 89 -4.55 32.94 -12.00
N ILE A 90 -4.93 32.31 -10.91
CA ILE A 90 -5.01 30.83 -10.88
C ILE A 90 -6.47 30.43 -10.67
N VAL A 91 -6.98 29.62 -11.60
CA VAL A 91 -8.32 29.07 -11.52
C VAL A 91 -8.20 27.57 -11.26
N VAL A 92 -8.65 27.13 -10.10
CA VAL A 92 -8.66 25.70 -9.76
C VAL A 92 -9.94 25.10 -10.36
N ILE A 93 -9.78 24.08 -11.20
CA ILE A 93 -10.89 23.37 -11.84
C ILE A 93 -10.95 21.95 -11.27
N PRO A 94 -11.93 21.65 -10.41
CA PRO A 94 -12.02 20.31 -9.86
C PRO A 94 -12.54 19.34 -10.94
N GLY A 95 -11.83 18.23 -11.13
CA GLY A 95 -12.25 17.19 -12.05
C GLY A 95 -11.07 16.56 -12.78
N LYS A 96 -11.36 15.57 -13.61
CA LYS A 96 -10.35 14.92 -14.44
C LYS A 96 -10.10 15.79 -15.66
N VAL A 97 -8.85 15.88 -16.11
CA VAL A 97 -8.52 16.72 -17.23
C VAL A 97 -9.25 16.22 -18.49
N GLU A 98 -9.65 14.96 -18.47
CA GLU A 98 -10.36 14.34 -19.60
C GLU A 98 -11.82 14.82 -19.65
N GLU A 99 -12.34 15.38 -18.55
CA GLU A 99 -13.79 15.60 -18.42
C GLU A 99 -14.13 17.09 -18.24
N VAL A 100 -13.15 17.93 -17.94
CA VAL A 100 -13.42 19.34 -17.64
C VAL A 100 -13.46 20.15 -18.94
N SER A 101 -13.86 21.41 -18.84
N SER A 101 -13.85 21.41 -18.83
CA SER A 101 -13.78 22.33 -19.96
CA SER A 101 -13.80 22.34 -19.94
C SER A 101 -12.84 23.48 -19.59
C SER A 101 -12.86 23.49 -19.60
N LEU A 102 -12.01 23.89 -20.55
CA LEU A 102 -11.23 25.12 -20.43
C LEU A 102 -11.91 26.19 -21.29
N PRO A 103 -11.81 27.46 -20.90
CA PRO A 103 -12.44 28.52 -21.68
C PRO A 103 -11.62 28.98 -22.89
N GLU A 104 -10.38 28.51 -23.01
CA GLU A 104 -9.48 28.91 -24.09
C GLU A 104 -8.34 27.89 -24.19
N GLN A 105 -7.58 28.00 -25.26
CA GLN A 105 -6.38 27.18 -25.45
C GLN A 105 -5.23 27.82 -24.67
N VAL A 106 -4.20 27.01 -24.40
CA VAL A 106 -3.11 27.41 -23.52
C VAL A 106 -1.79 27.39 -24.30
N ASP A 107 -0.83 28.17 -23.78
CA ASP A 107 0.51 28.29 -24.34
C ASP A 107 1.42 27.16 -23.87
N ILE A 108 1.18 26.66 -22.66
CA ILE A 108 2.07 25.66 -22.08
C ILE A 108 1.28 24.79 -21.10
N ILE A 109 1.61 23.50 -21.11
CA ILE A 109 1.07 22.55 -20.15
C ILE A 109 2.22 22.14 -19.23
N ILE A 110 1.95 22.13 -17.92
CA ILE A 110 2.91 21.67 -16.93
C ILE A 110 2.26 20.56 -16.09
N SER A 111 3.07 19.61 -15.66
CA SER A 111 2.60 18.47 -14.89
C SER A 111 3.80 17.72 -14.32
N GLU A 112 3.54 16.88 -13.32
CA GLU A 112 4.51 15.89 -12.85
C GLU A 112 3.85 14.51 -12.91
N PRO A 113 3.84 13.91 -14.11
CA PRO A 113 3.08 12.69 -14.34
C PRO A 113 3.92 11.41 -14.32
N MET A 114 5.14 11.48 -13.82
CA MET A 114 6.08 10.36 -13.94
C MET A 114 5.84 9.35 -12.82
N GLY A 115 5.89 8.08 -13.17
CA GLY A 115 5.86 6.98 -12.22
C GLY A 115 7.09 6.11 -12.33
N TYR A 116 7.12 5.02 -11.58
CA TYR A 116 8.22 4.06 -11.74
C TYR A 116 8.40 3.69 -13.22
N MET A 117 9.64 3.51 -13.65
CA MET A 117 9.95 3.16 -15.05
C MET A 117 9.31 4.17 -16.01
N LEU A 118 9.14 5.41 -15.52
CA LEU A 118 8.48 6.55 -16.21
C LEU A 118 6.96 6.35 -16.32
N PHE A 119 6.52 5.21 -16.87
CA PHE A 119 5.13 5.10 -17.33
C PHE A 119 4.14 4.61 -16.25
N ASN A 120 4.62 4.03 -15.17
CA ASN A 120 3.73 3.48 -14.19
C ASN A 120 2.79 4.58 -13.65
N GLU A 121 1.56 4.16 -13.33
CA GLU A 121 0.45 5.05 -12.87
C GLU A 121 -0.37 5.53 -14.08
N ARG A 122 0.21 5.52 -15.28
CA ARG A 122 -0.46 5.84 -16.55
C ARG A 122 -0.88 7.31 -16.59
N MET A 123 -0.28 8.17 -15.78
CA MET A 123 -0.70 9.56 -15.80
C MET A 123 -0.19 10.28 -17.05
N LEU A 124 0.84 9.78 -17.72
CA LEU A 124 1.28 10.45 -18.94
C LEU A 124 0.16 10.46 -19.99
N GLU A 125 -0.77 9.52 -19.92
CA GLU A 125 -1.89 9.49 -20.86
C GLU A 125 -2.79 10.70 -20.63
N SER A 126 -2.98 11.10 -19.37
CA SER A 126 -3.75 12.31 -19.03
C SER A 126 -3.00 13.57 -19.49
N TYR A 127 -1.68 13.57 -19.30
CA TYR A 127 -0.82 14.65 -19.72
C TYR A 127 -0.92 14.84 -21.24
N LEU A 128 -0.82 13.75 -22.00
CA LEU A 128 -0.91 13.86 -23.45
C LEU A 128 -2.35 14.19 -23.88
N HIS A 129 -3.35 13.65 -23.18
CA HIS A 129 -4.75 13.98 -23.47
C HIS A 129 -4.98 15.49 -23.44
N ALA A 130 -4.31 16.15 -22.49
CA ALA A 130 -4.50 17.58 -22.23
C ALA A 130 -4.04 18.44 -23.41
N LYS A 131 -3.29 17.87 -24.36
N LYS A 131 -3.29 17.86 -24.35
CA LYS A 131 -2.81 18.63 -25.51
CA LYS A 131 -2.81 18.55 -25.54
C LYS A 131 -3.98 19.02 -26.44
C LYS A 131 -3.98 19.02 -26.42
N LYS A 132 -5.18 18.51 -26.18
CA LYS A 132 -6.39 19.04 -26.90
C LYS A 132 -6.56 20.53 -26.59
N TYR A 133 -6.00 20.99 -25.46
CA TYR A 133 -6.09 22.41 -25.09
C TYR A 133 -4.85 23.20 -25.49
N LEU A 134 -3.85 22.57 -26.09
CA LEU A 134 -2.58 23.25 -26.35
C LEU A 134 -2.67 23.99 -27.69
N LYS A 135 -2.22 25.24 -27.71
CA LYS A 135 -2.10 25.99 -28.96
C LYS A 135 -1.07 25.30 -29.86
N PRO A 136 -1.26 25.41 -31.20
CA PRO A 136 -0.42 24.77 -32.22
C PRO A 136 1.08 24.70 -31.90
N SER A 137 1.65 25.82 -31.49
CA SER A 137 3.08 25.92 -31.24
C SER A 137 3.36 25.99 -29.72
N GLY A 138 2.47 25.44 -28.92
CA GLY A 138 2.62 25.50 -27.46
C GLY A 138 3.73 24.58 -26.97
N ASN A 139 4.02 24.64 -25.68
CA ASN A 139 5.11 23.86 -25.10
C ASN A 139 4.54 22.93 -24.01
N MET A 140 5.38 21.99 -23.59
N MET A 140 5.35 21.94 -23.63
CA MET A 140 5.04 21.10 -22.49
CA MET A 140 5.06 20.96 -22.57
C MET A 140 6.25 20.93 -21.59
C MET A 140 6.25 20.92 -21.61
N PHE A 141 5.99 20.98 -20.29
CA PHE A 141 6.99 20.85 -19.23
C PHE A 141 6.56 19.74 -18.27
N PRO A 142 7.19 18.57 -18.34
CA PRO A 142 8.35 18.15 -19.12
C PRO A 142 8.06 17.98 -20.63
N THR A 143 9.11 18.13 -21.42
CA THR A 143 8.98 18.14 -22.86
C THR A 143 9.27 16.75 -23.43
N ILE A 144 10.26 16.08 -22.87
CA ILE A 144 10.64 14.74 -23.34
C ILE A 144 10.93 13.86 -22.12
N GLY A 145 10.78 12.56 -22.32
CA GLY A 145 11.19 11.57 -21.32
C GLY A 145 12.04 10.49 -21.96
N ASP A 146 13.14 10.15 -21.30
CA ASP A 146 14.10 9.14 -21.77
C ASP A 146 14.03 7.96 -20.79
N VAL A 147 13.68 6.79 -21.28
CA VAL A 147 13.78 5.56 -20.46
C VAL A 147 15.11 4.88 -20.81
N HIS A 148 15.89 4.56 -19.79
CA HIS A 148 17.15 3.86 -19.95
C HIS A 148 17.01 2.43 -19.46
N LEU A 149 17.61 1.50 -20.19
CA LEU A 149 17.64 0.12 -19.74
C LEU A 149 19.04 -0.44 -19.97
N ALA A 150 19.45 -1.34 -19.09
CA ALA A 150 20.76 -1.98 -19.17
C ALA A 150 20.69 -3.33 -18.47
N PRO A 151 21.42 -4.30 -18.99
CA PRO A 151 21.47 -5.60 -18.35
C PRO A 151 22.30 -5.56 -17.06
N PHE A 152 21.91 -6.36 -16.05
CA PHE A 152 22.64 -6.41 -14.80
C PHE A 152 22.90 -7.85 -14.37
N THR A 153 23.91 -8.00 -13.52
CA THR A 153 24.18 -9.24 -12.79
C THR A 153 23.93 -8.97 -11.30
N ASP A 154 23.12 -9.82 -10.67
CA ASP A 154 22.91 -9.74 -9.23
C ASP A 154 22.44 -11.09 -8.70
N GLU A 155 23.41 -11.97 -8.48
CA GLU A 155 23.12 -13.35 -8.11
C GLU A 155 22.32 -13.38 -6.80
N GLN A 156 22.64 -12.50 -5.86
CA GLN A 156 21.98 -12.54 -4.55
C GLN A 156 20.49 -12.17 -4.71
N LEU A 157 20.18 -11.17 -5.52
CA LEU A 157 18.78 -10.80 -5.76
C LEU A 157 18.03 -11.96 -6.42
N TYR A 158 18.67 -12.58 -7.40
CA TYR A 158 18.07 -13.70 -8.10
C TYR A 158 17.74 -14.82 -7.11
N MET A 159 18.70 -15.20 -6.27
N MET A 159 18.74 -15.18 -6.31
CA MET A 159 18.51 -16.38 -5.42
CA MET A 159 18.63 -16.27 -5.34
C MET A 159 17.51 -16.07 -4.28
C MET A 159 17.42 -16.05 -4.43
N GLU A 160 17.27 -14.80 -3.98
CA GLU A 160 16.23 -14.43 -2.98
C GLU A 160 14.85 -14.94 -3.44
N GLN A 161 14.58 -14.94 -4.74
CA GLN A 161 13.23 -15.31 -5.23
C GLN A 161 12.96 -16.77 -4.87
N PHE A 162 13.98 -17.61 -4.95
CA PHE A 162 13.84 -19.03 -4.66
C PHE A 162 13.82 -19.25 -3.15
N THR A 163 14.62 -18.50 -2.40
CA THR A 163 14.58 -18.61 -0.96
C THR A 163 13.15 -18.34 -0.47
N LYS A 164 12.51 -17.32 -1.02
CA LYS A 164 11.15 -16.99 -0.62
C LYS A 164 10.16 -18.04 -1.13
N ALA A 165 10.23 -18.42 -2.41
CA ALA A 165 9.26 -19.35 -3.00
C ALA A 165 9.36 -20.72 -2.31
N ASN A 166 10.57 -21.10 -1.88
CA ASN A 166 10.77 -22.43 -1.34
C ASN A 166 10.11 -22.60 0.03
N PHE A 167 9.58 -21.53 0.64
CA PHE A 167 8.60 -21.71 1.72
C PHE A 167 7.59 -22.81 1.36
N TRP A 168 7.12 -22.83 0.13
CA TRP A 168 6.08 -23.75 -0.29
C TRP A 168 6.62 -25.17 -0.49
N TYR A 169 7.94 -25.32 -0.62
CA TYR A 169 8.50 -26.65 -0.87
C TYR A 169 8.76 -27.36 0.46
N GLN A 170 7.66 -27.62 1.17
CA GLN A 170 7.66 -28.22 2.51
C GLN A 170 6.56 -29.28 2.50
N PRO A 171 6.88 -30.55 2.79
CA PRO A 171 5.88 -31.62 2.78
C PRO A 171 5.00 -31.68 4.04
N SER A 172 5.41 -31.01 5.10
CA SER A 172 4.69 -31.04 6.37
C SER A 172 4.82 -29.70 7.09
N PHE A 173 4.32 -28.64 6.47
CA PHE A 173 4.16 -27.37 7.12
C PHE A 173 2.94 -27.49 8.05
N HIS A 174 3.19 -27.62 9.35
CA HIS A 174 2.09 -27.93 10.30
C HIS A 174 1.28 -29.13 9.79
N GLY A 175 1.96 -30.12 9.20
CA GLY A 175 1.32 -31.33 8.70
C GLY A 175 0.71 -31.22 7.31
N VAL A 176 0.86 -30.09 6.63
CA VAL A 176 0.31 -29.90 5.30
C VAL A 176 1.44 -29.90 4.26
N ASP A 177 1.20 -30.60 3.17
CA ASP A 177 2.13 -30.63 2.03
C ASP A 177 1.84 -29.42 1.16
N LEU A 178 2.73 -28.42 1.17
CA LEU A 178 2.53 -27.17 0.41
C LEU A 178 3.17 -27.24 -0.99
N SER A 179 3.83 -28.35 -1.30
N SER A 179 3.88 -28.34 -1.26
CA SER A 179 4.83 -28.39 -2.39
CA SER A 179 4.82 -28.45 -2.39
C SER A 179 4.20 -28.21 -3.77
C SER A 179 4.18 -28.07 -3.71
N ALA A 180 2.91 -28.45 -3.92
CA ALA A 180 2.25 -28.31 -5.22
C ALA A 180 2.15 -26.84 -5.65
N LEU A 181 2.30 -25.90 -4.73
CA LEU A 181 2.19 -24.46 -5.07
C LEU A 181 3.57 -23.82 -5.25
N ARG A 182 4.66 -24.58 -5.11
CA ARG A 182 5.98 -23.93 -5.22
C ARG A 182 6.20 -23.28 -6.59
N GLY A 183 5.83 -23.97 -7.67
CA GLY A 183 6.00 -23.41 -9.04
C GLY A 183 5.24 -22.10 -9.20
N ALA A 184 4.02 -22.05 -8.70
CA ALA A 184 3.19 -20.84 -8.79
C ALA A 184 3.84 -19.70 -8.01
N ALA A 185 4.43 -20.02 -6.86
CA ALA A 185 5.08 -19.03 -6.03
C ALA A 185 6.32 -18.46 -6.73
N VAL A 186 7.12 -19.35 -7.32
CA VAL A 186 8.32 -18.89 -8.06
C VAL A 186 7.84 -17.90 -9.13
N ASP A 187 6.81 -18.29 -9.86
N ASP A 187 6.81 -18.28 -9.87
CA ASP A 187 6.36 -17.48 -10.99
CA ASP A 187 6.36 -17.47 -10.99
C ASP A 187 5.88 -16.11 -10.48
C ASP A 187 5.90 -16.11 -10.46
N GLU A 188 5.11 -16.10 -9.40
CA GLU A 188 4.61 -14.86 -8.86
C GLU A 188 5.77 -13.94 -8.43
N TYR A 189 6.77 -14.46 -7.73
CA TYR A 189 7.86 -13.59 -7.27
C TYR A 189 8.62 -13.01 -8.46
N PHE A 190 8.86 -13.83 -9.49
CA PHE A 190 9.64 -13.33 -10.64
C PHE A 190 8.84 -12.32 -11.44
N ARG A 191 7.52 -12.34 -11.35
CA ARG A 191 6.66 -11.37 -12.05
C ARG A 191 6.70 -9.99 -11.37
N GLN A 192 7.29 -9.85 -10.19
CA GLN A 192 7.33 -8.56 -9.49
C GLN A 192 8.57 -7.78 -9.90
N PRO A 193 8.39 -6.62 -10.56
CA PRO A 193 9.54 -5.74 -10.73
C PRO A 193 10.08 -5.29 -9.38
N VAL A 194 11.40 -5.21 -9.26
CA VAL A 194 12.07 -4.91 -8.02
C VAL A 194 12.42 -3.42 -7.96
N VAL A 195 11.85 -2.72 -7.00
CA VAL A 195 12.13 -1.31 -6.80
C VAL A 195 13.21 -1.17 -5.71
N ASP A 196 14.40 -0.73 -6.10
N ASP A 196 14.37 -0.66 -6.10
CA ASP A 196 15.48 -0.41 -5.18
CA ASP A 196 15.54 -0.58 -5.25
C ASP A 196 16.67 0.10 -6.01
C ASP A 196 16.59 0.29 -5.96
N THR A 197 17.75 0.48 -5.34
CA THR A 197 18.91 1.01 -6.03
C THR A 197 20.00 -0.04 -6.01
N PHE A 198 21.11 0.27 -6.67
CA PHE A 198 22.19 -0.67 -6.84
C PHE A 198 23.47 0.10 -7.21
N ASP A 199 24.60 -0.58 -7.07
CA ASP A 199 25.88 -0.08 -7.50
C ASP A 199 25.97 -0.20 -9.03
N ILE A 200 26.46 0.85 -9.68
CA ILE A 200 26.50 0.88 -11.15
C ILE A 200 27.42 -0.23 -11.69
N ARG A 201 28.30 -0.77 -10.86
CA ARG A 201 29.23 -1.79 -11.35
C ARG A 201 28.50 -3.12 -11.59
N ILE A 202 27.22 -3.26 -11.20
CA ILE A 202 26.46 -4.48 -11.57
C ILE A 202 25.96 -4.39 -13.01
N LEU A 203 26.04 -3.23 -13.66
CA LEU A 203 25.55 -3.08 -15.03
C LEU A 203 26.60 -3.65 -15.98
N MET A 204 26.16 -4.42 -16.97
CA MET A 204 27.07 -5.24 -17.77
CA MET A 204 27.06 -5.24 -17.76
C MET A 204 27.23 -4.69 -19.19
N ALA A 205 26.53 -3.62 -19.51
CA ALA A 205 26.62 -3.00 -20.84
C ALA A 205 26.10 -1.56 -20.74
N LYS A 206 26.50 -0.74 -21.70
N LYS A 206 26.51 -0.71 -21.68
CA LYS A 206 26.00 0.63 -21.77
CA LYS A 206 26.00 0.65 -21.73
C LYS A 206 24.49 0.60 -21.99
C LYS A 206 24.49 0.61 -21.99
N SER A 207 23.78 1.54 -21.37
CA SER A 207 22.33 1.57 -21.46
C SER A 207 21.89 1.91 -22.90
N VAL A 208 20.69 1.45 -23.23
CA VAL A 208 19.92 1.77 -24.39
C VAL A 208 18.84 2.76 -23.95
N LYS A 209 18.56 3.76 -24.78
CA LYS A 209 17.66 4.86 -24.42
C LYS A 209 16.44 4.81 -25.35
N TYR A 210 15.25 4.85 -24.77
CA TYR A 210 14.01 5.00 -25.50
C TYR A 210 13.38 6.35 -25.14
N THR A 211 13.14 7.20 -26.15
CA THR A 211 12.70 8.57 -25.91
C THR A 211 11.25 8.77 -26.36
N VAL A 212 10.45 9.37 -25.48
CA VAL A 212 9.14 9.82 -25.82
C VAL A 212 9.18 11.35 -25.87
N ASN A 213 8.82 11.90 -27.02
CA ASN A 213 8.73 13.33 -27.19
C ASN A 213 7.30 13.75 -26.89
N PHE A 214 7.05 14.41 -25.75
CA PHE A 214 5.66 14.65 -25.35
C PHE A 214 5.00 15.68 -26.27
N LEU A 215 5.76 16.52 -26.95
CA LEU A 215 5.16 17.46 -27.93
C LEU A 215 4.58 16.73 -29.14
N GLU A 216 5.12 15.55 -29.47
N GLU A 216 5.14 15.57 -29.46
CA GLU A 216 4.69 14.86 -30.68
CA GLU A 216 4.78 14.83 -30.66
C GLU A 216 3.87 13.61 -30.35
C GLU A 216 3.85 13.64 -30.33
N ALA A 217 4.03 13.04 -29.15
CA ALA A 217 3.37 11.76 -28.82
C ALA A 217 1.85 11.92 -28.64
N LYS A 218 1.11 10.87 -29.00
CA LYS A 218 -0.32 10.83 -28.78
C LYS A 218 -0.60 9.89 -27.61
N GLU A 219 -1.73 10.11 -26.97
CA GLU A 219 -2.16 9.35 -25.81
C GLU A 219 -2.08 7.85 -26.09
N GLY A 220 -2.62 7.41 -27.23
CA GLY A 220 -2.63 6.00 -27.58
C GLY A 220 -1.24 5.41 -27.79
N ASP A 221 -0.22 6.22 -28.03
CA ASP A 221 1.15 5.71 -28.16
C ASP A 221 1.58 5.01 -26.87
N LEU A 222 0.98 5.37 -25.74
CA LEU A 222 1.44 4.82 -24.46
C LEU A 222 0.70 3.53 -24.11
N HIS A 223 -0.22 3.04 -24.95
CA HIS A 223 -0.95 1.81 -24.63
C HIS A 223 -0.12 0.57 -24.95
N ARG A 224 0.81 0.69 -25.89
CA ARG A 224 1.68 -0.36 -26.31
C ARG A 224 3.03 0.26 -26.62
N ILE A 225 4.01 -0.02 -25.77
CA ILE A 225 5.30 0.61 -25.87
C ILE A 225 6.34 -0.48 -26.16
N GLU A 226 6.91 -0.45 -27.35
CA GLU A 226 7.84 -1.48 -27.77
C GLU A 226 9.24 -0.89 -27.74
N ILE A 227 10.09 -1.46 -26.88
CA ILE A 227 11.45 -0.97 -26.73
C ILE A 227 12.41 -2.07 -27.19
N PRO A 228 12.89 -2.00 -28.44
CA PRO A 228 13.93 -2.91 -28.87
C PRO A 228 15.26 -2.55 -28.18
N PHE A 229 16.13 -3.54 -28.02
CA PHE A 229 17.46 -3.30 -27.46
C PHE A 229 18.46 -4.27 -28.10
N LYS A 230 19.68 -3.75 -28.23
CA LYS A 230 20.85 -4.53 -28.54
C LYS A 230 21.96 -4.03 -27.61
N PHE A 231 22.39 -4.91 -26.72
CA PHE A 231 23.41 -4.57 -25.78
C PHE A 231 24.72 -5.22 -26.20
N HIS A 232 25.79 -4.44 -26.16
CA HIS A 232 27.12 -4.97 -26.42
C HIS A 232 27.86 -5.10 -25.07
N MET A 233 28.07 -6.35 -24.68
CA MET A 233 28.45 -6.64 -23.32
C MET A 233 29.88 -6.15 -23.04
N LEU A 234 30.03 -5.41 -21.95
CA LEU A 234 31.31 -4.89 -21.51
C LEU A 234 31.96 -5.84 -20.49
N HIS A 235 31.14 -6.70 -19.90
CA HIS A 235 31.59 -7.59 -18.85
C HIS A 235 31.05 -9.00 -19.12
N SER A 236 31.84 -9.99 -18.70
CA SER A 236 31.45 -11.38 -18.80
C SER A 236 30.76 -11.79 -17.50
N GLY A 237 29.65 -12.51 -17.61
CA GLY A 237 28.95 -13.01 -16.42
C GLY A 237 27.55 -13.51 -16.74
N LEU A 238 26.82 -13.86 -15.69
N LEU A 238 26.77 -13.76 -15.67
CA LEU A 238 25.42 -14.22 -15.78
CA LEU A 238 25.37 -14.20 -15.78
C LEU A 238 24.61 -12.92 -15.79
C LEU A 238 24.40 -13.02 -15.67
N VAL A 239 23.71 -12.76 -16.76
CA VAL A 239 22.79 -11.65 -16.82
C VAL A 239 21.48 -12.08 -16.15
N HIS A 240 21.12 -11.40 -15.07
CA HIS A 240 19.96 -11.79 -14.28
C HIS A 240 18.71 -10.99 -14.66
N GLY A 241 18.85 -9.95 -15.48
CA GLY A 241 17.68 -9.16 -15.84
C GLY A 241 18.08 -7.84 -16.46
N LEU A 242 17.09 -6.96 -16.58
CA LEU A 242 17.29 -5.59 -17.08
C LEU A 242 16.94 -4.60 -15.96
N ALA A 243 17.74 -3.57 -15.86
CA ALA A 243 17.52 -2.45 -14.99
C ALA A 243 16.98 -1.27 -15.82
N PHE A 244 16.06 -0.53 -15.21
CA PHE A 244 15.38 0.60 -15.84
C PHE A 244 15.51 1.85 -14.95
N TRP A 245 15.66 2.99 -15.62
CA TRP A 245 15.53 4.28 -14.96
C TRP A 245 15.06 5.29 -16.00
N PHE A 246 14.92 6.56 -15.62
CA PHE A 246 14.42 7.53 -16.60
C PHE A 246 14.91 8.93 -16.26
N ASP A 247 14.97 9.75 -17.31
CA ASP A 247 15.18 11.18 -17.18
C ASP A 247 14.04 11.91 -17.90
N VAL A 248 13.71 13.11 -17.43
CA VAL A 248 12.86 14.01 -18.23
C VAL A 248 13.58 15.35 -18.39
N ALA A 249 13.30 16.00 -19.52
CA ALA A 249 13.87 17.31 -19.79
C ALA A 249 12.75 18.34 -19.96
N PHE A 250 12.99 19.52 -19.40
CA PHE A 250 12.16 20.70 -19.59
C PHE A 250 12.86 21.62 -20.60
N ILE A 251 12.37 21.61 -21.83
CA ILE A 251 13.08 22.28 -22.93
C ILE A 251 12.42 23.64 -23.12
N GLY A 252 12.98 24.63 -22.43
CA GLY A 252 12.47 25.99 -22.51
C GLY A 252 13.20 26.78 -23.59
N SER A 253 12.69 27.97 -23.85
CA SER A 253 13.30 28.87 -24.82
C SER A 253 14.68 29.34 -24.33
N ILE A 254 14.81 29.53 -23.00
CA ILE A 254 16.06 30.05 -22.44
C ILE A 254 17.03 28.88 -22.17
N MET A 255 16.58 27.79 -21.53
CA MET A 255 17.51 26.69 -21.28
C MET A 255 16.75 25.39 -21.00
N THR A 256 17.51 24.30 -21.04
CA THR A 256 16.97 22.98 -20.76
C THR A 256 17.39 22.55 -19.36
N VAL A 257 16.40 22.09 -18.58
CA VAL A 257 16.63 21.59 -17.24
C VAL A 257 16.24 20.10 -17.24
N TRP A 258 17.10 19.28 -16.63
CA TRP A 258 16.88 17.82 -16.54
C TRP A 258 16.50 17.43 -15.11
N LEU A 259 15.61 16.45 -15.03
CA LEU A 259 15.37 15.69 -13.82
C LEU A 259 15.74 14.24 -14.10
N SER A 260 16.76 13.73 -13.42
CA SER A 260 17.29 12.39 -13.68
C SER A 260 17.09 11.47 -12.47
N THR A 261 16.72 10.22 -12.77
CA THR A 261 16.57 9.20 -11.73
C THR A 261 17.61 8.09 -11.95
N ALA A 262 18.67 8.42 -12.68
CA ALA A 262 19.72 7.45 -13.04
C ALA A 262 20.50 7.02 -11.79
N PRO A 263 21.07 5.80 -11.83
CA PRO A 263 21.83 5.30 -10.68
C PRO A 263 23.19 5.98 -10.50
N THR A 264 23.59 6.79 -11.48
CA THR A 264 24.78 7.65 -11.39
C THR A 264 24.47 8.97 -10.66
N GLU A 265 23.19 9.21 -10.38
CA GLU A 265 22.73 10.46 -9.78
C GLU A 265 22.25 10.17 -8.36
N PRO A 266 22.08 11.24 -7.54
CA PRO A 266 21.56 11.08 -6.20
C PRO A 266 20.22 10.37 -6.24
N LEU A 267 20.01 9.50 -5.27
CA LEU A 267 18.84 8.65 -5.24
C LEU A 267 17.57 9.51 -5.13
N THR A 268 16.53 9.12 -5.88
CA THR A 268 15.23 9.79 -5.84
C THR A 268 14.18 8.80 -5.31
N HIS A 269 12.96 9.28 -5.10
CA HIS A 269 11.86 8.42 -4.65
C HIS A 269 11.31 7.54 -5.78
N TRP A 270 11.83 7.68 -7.00
CA TRP A 270 11.52 6.73 -8.07
C TRP A 270 12.50 5.55 -8.02
N TYR A 271 13.58 5.65 -7.26
CA TYR A 271 14.61 4.60 -7.17
C TYR A 271 15.03 4.21 -8.60
N GLN A 272 15.23 2.91 -8.82
CA GLN A 272 15.36 2.30 -10.12
C GLN A 272 14.52 1.02 -10.09
N VAL A 273 14.28 0.40 -11.24
CA VAL A 273 13.43 -0.78 -11.30
C VAL A 273 14.20 -1.88 -12.00
N ARG A 274 14.20 -3.08 -11.45
CA ARG A 274 14.84 -4.21 -12.09
C ARG A 274 13.80 -5.30 -12.36
N CYS A 275 13.84 -5.84 -13.56
CA CYS A 275 13.03 -6.96 -13.99
C CYS A 275 13.92 -8.18 -14.18
N LEU A 276 13.74 -9.20 -13.36
CA LEU A 276 14.58 -10.40 -13.39
C LEU A 276 14.18 -11.30 -14.57
N PHE A 277 15.17 -12.07 -15.03
CA PHE A 277 14.94 -13.22 -15.88
C PHE A 277 14.81 -14.48 -15.00
N GLN A 278 13.72 -15.26 -15.10
CA GLN A 278 13.64 -16.48 -14.29
C GLN A 278 14.71 -17.47 -14.80
N SER A 279 15.09 -17.38 -16.07
CA SER A 279 16.21 -18.13 -16.65
C SER A 279 17.32 -17.15 -17.04
N PRO A 280 18.39 -17.03 -16.25
CA PRO A 280 19.47 -16.08 -16.51
C PRO A 280 20.34 -16.51 -17.71
N LEU A 281 21.05 -15.55 -18.31
CA LEU A 281 21.77 -15.78 -19.57
C LEU A 281 23.27 -15.55 -19.39
N PHE A 282 24.06 -16.50 -19.85
N PHE A 282 24.10 -16.54 -19.73
CA PHE A 282 25.50 -16.36 -19.81
CA PHE A 282 25.54 -16.28 -19.75
C PHE A 282 25.99 -15.55 -21.02
C PHE A 282 25.88 -15.46 -20.99
N ALA A 283 26.70 -14.45 -20.78
CA ALA A 283 27.25 -13.65 -21.86
C ALA A 283 28.71 -13.32 -21.53
N LYS A 284 29.54 -13.30 -22.57
CA LYS A 284 30.91 -12.86 -22.40
C LYS A 284 31.04 -11.46 -23.00
N ALA A 285 32.02 -10.71 -22.50
CA ALA A 285 32.34 -9.39 -23.03
C ALA A 285 32.53 -9.51 -24.55
N GLY A 286 31.92 -8.59 -25.27
CA GLY A 286 31.92 -8.61 -26.74
C GLY A 286 30.71 -9.28 -27.35
N ASP A 287 29.96 -10.08 -26.57
CA ASP A 287 28.72 -10.67 -27.05
C ASP A 287 27.66 -9.58 -27.16
N THR A 288 26.60 -9.90 -27.90
CA THR A 288 25.46 -9.01 -28.07
C THR A 288 24.23 -9.68 -27.44
N LEU A 289 23.54 -8.93 -26.58
CA LEU A 289 22.29 -9.39 -25.97
C LEU A 289 21.16 -8.58 -26.58
N SER A 290 20.30 -9.22 -27.37
CA SER A 290 19.32 -8.50 -28.13
C SER A 290 17.92 -8.99 -27.75
N GLY A 291 16.95 -8.13 -27.97
CA GLY A 291 15.60 -8.51 -27.73
C GLY A 291 14.68 -7.32 -27.70
N THR A 292 13.55 -7.56 -27.03
N THR A 292 13.55 -7.46 -27.01
CA THR A 292 12.46 -6.63 -27.04
CA THR A 292 12.61 -6.32 -26.88
C THR A 292 11.82 -6.60 -25.66
C THR A 292 12.00 -6.31 -25.49
N CYS A 293 11.67 -5.38 -25.14
N CYS A 293 11.53 -5.14 -25.10
CA CYS A 293 10.71 -5.07 -24.09
CA CYS A 293 10.75 -4.97 -23.92
C CYS A 293 9.41 -4.59 -24.72
C CYS A 293 9.43 -4.36 -24.36
N LEU A 294 8.32 -5.11 -24.19
CA LEU A 294 6.99 -4.67 -24.62
C LEU A 294 6.16 -4.35 -23.37
N LEU A 295 5.71 -3.11 -23.26
CA LEU A 295 4.87 -2.65 -22.18
C LEU A 295 3.44 -2.52 -22.71
N ILE A 296 2.52 -3.28 -22.15
CA ILE A 296 1.14 -3.32 -22.61
C ILE A 296 0.27 -2.78 -21.48
N ALA A 297 -0.39 -1.66 -21.73
CA ALA A 297 -1.18 -1.00 -20.70
C ALA A 297 -2.27 -1.96 -20.20
N ASN A 298 -2.53 -1.93 -18.89
CA ASN A 298 -3.60 -2.75 -18.29
C ASN A 298 -4.52 -1.86 -17.45
N LYS A 299 -5.59 -2.49 -16.96
CA LYS A 299 -6.75 -1.83 -16.30
C LYS A 299 -6.40 -1.31 -14.90
N ARG A 300 -5.21 -1.55 -14.38
CA ARG A 300 -4.90 -1.20 -13.00
C ARG A 300 -3.87 -0.06 -12.99
N GLN A 301 -3.99 0.86 -13.96
CA GLN A 301 -3.12 2.02 -14.03
C GLN A 301 -1.66 1.59 -14.09
N SER A 302 -1.44 0.47 -14.78
CA SER A 302 -0.13 -0.09 -14.85
C SER A 302 0.05 -0.80 -16.20
N TYR A 303 1.03 -1.68 -16.23
CA TYR A 303 1.47 -2.33 -17.45
C TYR A 303 1.79 -3.80 -17.18
N ASP A 304 1.46 -4.62 -18.16
CA ASP A 304 2.06 -5.95 -18.34
C ASP A 304 3.37 -5.74 -19.08
N ILE A 305 4.46 -6.33 -18.60
CA ILE A 305 5.76 -6.15 -19.18
C ILE A 305 6.19 -7.50 -19.77
N SER A 306 6.58 -7.50 -21.04
CA SER A 306 7.09 -8.69 -21.68
C SER A 306 8.55 -8.42 -22.06
N ILE A 307 9.50 -9.18 -21.52
CA ILE A 307 10.90 -9.01 -21.92
C ILE A 307 11.39 -10.32 -22.52
N VAL A 308 11.89 -10.23 -23.75
CA VAL A 308 12.50 -11.37 -24.41
C VAL A 308 13.94 -10.96 -24.76
N ALA A 309 14.90 -11.80 -24.41
CA ALA A 309 16.29 -11.50 -24.65
C ALA A 309 17.02 -12.77 -25.11
N GLN A 310 18.02 -12.59 -25.96
CA GLN A 310 18.84 -13.72 -26.37
C GLN A 310 20.29 -13.24 -26.51
N VAL A 311 21.22 -14.14 -26.25
CA VAL A 311 22.62 -13.91 -26.53
C VAL A 311 22.86 -14.38 -27.97
N ASP A 312 23.16 -13.44 -28.86
CA ASP A 312 23.15 -13.71 -30.29
C ASP A 312 24.16 -14.83 -30.61
N GLN A 313 25.30 -14.80 -29.93
CA GLN A 313 26.44 -15.70 -30.27
C GLN A 313 26.13 -17.15 -29.89
N THR A 314 25.26 -17.38 -28.89
CA THR A 314 24.98 -18.73 -28.40
C THR A 314 23.55 -19.17 -28.74
N GLY A 315 22.66 -18.22 -29.01
CA GLY A 315 21.25 -18.49 -29.18
C GLY A 315 20.52 -18.75 -27.86
N SER A 316 21.18 -18.61 -26.73
CA SER A 316 20.52 -18.82 -25.44
C SER A 316 19.49 -17.72 -25.21
N LYS A 317 18.28 -18.10 -24.79
CA LYS A 317 17.12 -17.20 -24.78
C LYS A 317 16.45 -17.21 -23.40
N SER A 318 15.86 -16.08 -23.05
CA SER A 318 15.07 -15.91 -21.82
C SER A 318 13.82 -15.10 -22.14
N SER A 319 12.63 -15.62 -21.80
CA SER A 319 11.32 -14.94 -22.04
C SER A 319 10.59 -14.75 -20.71
N ASN A 320 10.13 -13.52 -20.43
CA ASN A 320 9.71 -13.14 -19.07
C ASN A 320 8.51 -12.20 -19.12
N LEU A 321 7.51 -12.45 -18.26
CA LEU A 321 6.34 -11.61 -18.13
C LEU A 321 6.33 -11.04 -16.73
N LEU A 322 6.13 -9.73 -16.60
CA LEU A 322 6.03 -9.10 -15.28
C LEU A 322 4.77 -8.24 -15.20
N ASP A 323 4.31 -7.94 -13.98
CA ASP A 323 3.21 -7.00 -13.86
C ASP A 323 3.65 -5.92 -12.89
N LEU A 324 3.61 -4.73 -13.42
CA LEU A 324 4.09 -3.59 -12.72
C LEU A 324 3.07 -3.14 -11.67
N LYS A 325 1.91 -3.77 -11.59
CA LYS A 325 0.92 -3.46 -10.55
C LYS A 325 1.32 -4.09 -9.20
N ASN A 326 2.30 -5.00 -9.19
CA ASN A 326 2.73 -5.71 -7.96
C ASN A 326 4.25 -5.60 -7.79
N PRO A 327 4.77 -4.36 -7.69
CA PRO A 327 6.21 -4.22 -7.54
C PRO A 327 6.65 -4.70 -6.15
N PHE A 328 7.89 -5.14 -6.04
CA PHE A 328 8.44 -5.46 -4.75
C PHE A 328 9.37 -4.33 -4.32
N PHE A 329 9.02 -3.66 -3.23
CA PHE A 329 9.85 -2.59 -2.71
C PHE A 329 10.93 -3.21 -1.81
N ARG A 330 12.15 -3.28 -2.33
CA ARG A 330 13.21 -4.01 -1.68
C ARG A 330 14.15 -3.06 -0.93
N TYR A 331 14.09 -1.75 -1.21
CA TYR A 331 15.04 -0.78 -0.65
C TYR A 331 15.04 -0.81 0.88
N THR A 332 16.24 -0.94 1.45
CA THR A 332 16.44 -0.92 2.91
C THR A 332 17.23 0.33 3.32
N GLY A 333 18.30 0.63 2.59
CA GLY A 333 19.19 1.76 2.92
C GLY A 333 20.66 1.35 2.97
N THR A 334 20.93 0.06 3.06
CA THR A 334 22.32 -0.43 3.18
C THR A 334 23.07 -0.20 1.86
N THR A 335 24.32 0.25 1.97
CA THR A 335 25.15 0.62 0.81
C THR A 335 25.16 -0.55 -0.20
N PRO A 336 24.81 -0.26 -1.48
CA PRO A 336 24.83 -1.30 -2.51
C PRO A 336 26.24 -1.89 -2.74
N SER A 337 26.30 -3.16 -3.09
CA SER A 337 27.57 -3.87 -3.31
C SER A 337 27.85 -4.00 -4.82
N PRO A 338 29.11 -3.76 -5.22
CA PRO A 338 29.53 -4.11 -6.58
C PRO A 338 29.69 -5.63 -6.70
N PRO A 339 29.97 -6.14 -7.91
CA PRO A 339 30.20 -7.57 -8.07
C PRO A 339 31.32 -8.11 -7.15
N GLN B 3 -9.64 -4.59 -5.78
CA GLN B 3 -8.37 -4.22 -5.06
C GLN B 3 -8.19 -5.13 -3.83
N TYR B 4 -9.23 -5.23 -3.02
CA TYR B 4 -9.19 -5.97 -1.75
C TYR B 4 -8.94 -7.46 -2.01
N PHE B 5 -9.77 -8.10 -2.82
CA PHE B 5 -9.61 -9.54 -3.08
C PHE B 5 -8.45 -9.79 -4.06
N GLN B 6 -8.04 -8.75 -4.80
CA GLN B 6 -6.88 -8.85 -5.68
C GLN B 6 -5.61 -9.07 -4.85
N PHE B 7 -5.47 -8.28 -3.79
CA PHE B 7 -4.33 -8.38 -2.84
C PHE B 7 -4.20 -9.82 -2.32
N TYR B 8 -5.32 -10.45 -2.02
CA TYR B 8 -5.29 -11.77 -1.37
C TYR B 8 -5.11 -12.89 -2.40
N GLY B 9 -5.12 -12.54 -3.68
CA GLY B 9 -4.85 -13.47 -4.74
C GLY B 9 -3.36 -13.79 -4.83
N TYR B 10 -2.52 -13.04 -4.10
CA TYR B 10 -1.06 -13.26 -4.14
C TYR B 10 -0.64 -14.29 -3.08
N LEU B 11 0.06 -15.31 -3.54
CA LEU B 11 0.63 -16.31 -2.66
C LEU B 11 1.56 -15.67 -1.62
N SER B 12 2.25 -14.59 -1.98
CA SER B 12 3.16 -13.98 -1.04
C SER B 12 2.41 -13.49 0.21
N GLN B 13 1.19 -12.98 0.05
CA GLN B 13 0.46 -12.48 1.20
C GLN B 13 0.00 -13.66 2.08
N GLN B 14 -0.40 -14.76 1.45
CA GLN B 14 -0.81 -15.94 2.21
C GLN B 14 0.43 -16.51 2.94
N GLN B 15 1.55 -16.56 2.24
CA GLN B 15 2.81 -17.01 2.86
C GLN B 15 3.15 -16.18 4.09
N ASN B 16 3.01 -14.85 3.99
CA ASN B 16 3.39 -13.98 5.04
C ASN B 16 2.52 -14.25 6.29
N MET B 17 1.24 -14.51 6.08
CA MET B 17 0.36 -14.82 7.21
C MET B 17 0.70 -16.21 7.77
N MET B 18 0.90 -17.19 6.90
CA MET B 18 1.15 -18.58 7.33
C MET B 18 2.48 -18.67 8.13
N GLN B 19 3.52 -17.98 7.69
N GLN B 19 3.50 -17.95 7.67
CA GLN B 19 4.82 -18.17 8.32
CA GLN B 19 4.84 -18.05 8.26
C GLN B 19 4.89 -17.38 9.63
C GLN B 19 4.86 -17.42 9.65
N ASP B 20 3.82 -16.67 10.00
CA ASP B 20 3.64 -16.11 11.32
C ASP B 20 3.24 -17.22 12.30
N TYR B 21 4.20 -17.68 13.09
CA TYR B 21 4.06 -18.92 13.86
C TYR B 21 3.09 -18.73 15.04
N VAL B 22 3.08 -17.60 15.72
CA VAL B 22 2.15 -17.40 16.82
C VAL B 22 0.73 -17.58 16.28
N ARG B 23 0.44 -16.99 15.12
CA ARG B 23 -0.89 -17.05 14.53
C ARG B 23 -1.21 -18.51 14.16
N THR B 24 -0.38 -19.10 13.30
CA THR B 24 -0.66 -20.40 12.74
C THR B 24 -0.61 -21.48 13.82
N GLY B 25 0.41 -21.41 14.65
CA GLY B 25 0.60 -22.38 15.73
C GLY B 25 -0.51 -22.31 16.76
N THR B 26 -0.96 -21.11 17.10
CA THR B 26 -2.04 -20.99 18.07
C THR B 26 -3.35 -21.55 17.51
N TYR B 27 -3.67 -21.26 16.25
CA TYR B 27 -4.86 -21.82 15.63
C TYR B 27 -4.77 -23.36 15.62
N GLN B 28 -3.62 -23.91 15.25
CA GLN B 28 -3.51 -25.36 15.18
C GLN B 28 -3.73 -25.97 16.58
N ARG B 29 -3.16 -25.36 17.61
N ARG B 29 -3.16 -25.34 17.61
CA ARG B 29 -3.31 -25.87 18.97
CA ARG B 29 -3.29 -25.82 18.98
C ARG B 29 -4.78 -25.79 19.38
C ARG B 29 -4.77 -25.79 19.39
N ALA B 30 -5.43 -24.66 19.11
CA ALA B 30 -6.86 -24.47 19.45
C ALA B 30 -7.70 -25.59 18.84
N ILE B 31 -7.42 -25.95 17.59
CA ILE B 31 -8.20 -26.92 16.88
C ILE B 31 -7.83 -28.33 17.34
N LEU B 32 -6.55 -28.69 17.33
CA LEU B 32 -6.18 -30.06 17.67
C LEU B 32 -6.45 -30.37 19.14
N GLN B 33 -6.23 -29.41 20.05
CA GLN B 33 -6.44 -29.73 21.49
C GLN B 33 -7.94 -29.77 21.79
N ASN B 34 -8.79 -29.26 20.89
CA ASN B 34 -10.26 -29.40 21.00
C ASN B 34 -10.78 -30.31 19.89
N HIS B 35 -10.13 -31.44 19.69
CA HIS B 35 -10.46 -32.25 18.53
C HIS B 35 -11.89 -32.82 18.61
N THR B 36 -12.46 -32.96 19.82
CA THR B 36 -13.82 -33.48 19.92
C THR B 36 -14.83 -32.46 19.35
N ASP B 37 -14.44 -31.20 19.23
CA ASP B 37 -15.29 -30.19 18.61
C ASP B 37 -15.25 -30.31 17.09
N PHE B 38 -14.36 -31.14 16.55
CA PHE B 38 -14.22 -31.30 15.10
C PHE B 38 -14.49 -32.74 14.65
N LYS B 39 -14.14 -33.74 15.47
CA LYS B 39 -14.23 -35.14 15.03
C LYS B 39 -15.66 -35.47 14.55
N ASP B 40 -15.76 -35.89 13.29
CA ASP B 40 -17.02 -36.33 12.62
C ASP B 40 -18.01 -35.16 12.44
N LYS B 41 -17.55 -33.92 12.58
CA LYS B 41 -18.44 -32.76 12.49
C LYS B 41 -18.33 -32.11 11.11
N ILE B 42 -19.26 -31.19 10.85
CA ILE B 42 -19.32 -30.40 9.65
C ILE B 42 -18.79 -29.00 10.00
N VAL B 43 -17.85 -28.49 9.20
CA VAL B 43 -17.12 -27.25 9.48
C VAL B 43 -17.31 -26.27 8.32
N LEU B 44 -17.45 -24.98 8.64
CA LEU B 44 -17.33 -23.90 7.66
C LEU B 44 -16.08 -23.08 8.01
N ASP B 45 -15.16 -22.96 7.03
CA ASP B 45 -13.99 -22.10 7.11
C ASP B 45 -14.25 -20.84 6.27
N VAL B 46 -14.37 -19.68 6.94
CA VAL B 46 -14.69 -18.41 6.28
C VAL B 46 -13.39 -17.68 5.89
N GLY B 47 -13.18 -17.49 4.58
CA GLY B 47 -12.00 -16.77 4.11
C GLY B 47 -10.76 -17.62 4.27
N CYS B 48 -10.77 -18.77 3.62
CA CYS B 48 -9.82 -19.85 3.95
C CYS B 48 -8.43 -19.55 3.40
N GLY B 49 -8.30 -18.64 2.44
CA GLY B 49 -6.99 -18.42 1.84
C GLY B 49 -6.46 -19.70 1.20
N SER B 50 -5.24 -20.07 1.61
CA SER B 50 -4.58 -21.30 1.15
C SER B 50 -5.34 -22.56 1.58
N GLY B 51 -6.17 -22.44 2.62
CA GLY B 51 -6.91 -23.56 3.17
C GLY B 51 -6.34 -24.07 4.49
N ILE B 52 -5.30 -23.43 5.03
CA ILE B 52 -4.58 -23.94 6.19
C ILE B 52 -5.53 -24.31 7.33
N LEU B 53 -6.51 -23.46 7.70
CA LEU B 53 -7.35 -23.86 8.87
C LEU B 53 -8.21 -25.07 8.53
N SER B 54 -8.64 -25.19 7.27
CA SER B 54 -9.40 -26.35 6.86
C SER B 54 -8.56 -27.63 7.00
N PHE B 55 -7.26 -27.54 6.70
CA PHE B 55 -6.38 -28.66 6.92
C PHE B 55 -6.32 -29.03 8.40
N PHE B 56 -6.28 -28.05 9.29
CA PHE B 56 -6.26 -28.33 10.73
C PHE B 56 -7.56 -29.03 11.15
N ALA B 57 -8.68 -28.54 10.65
CA ALA B 57 -9.97 -29.17 10.94
C ALA B 57 -9.99 -30.62 10.46
N ALA B 58 -9.39 -30.89 9.31
CA ALA B 58 -9.30 -32.25 8.78
C ALA B 58 -8.39 -33.11 9.65
N GLN B 59 -7.29 -32.55 10.15
CA GLN B 59 -6.37 -33.28 11.04
C GLN B 59 -7.10 -33.71 12.32
N ALA B 60 -7.99 -32.84 12.76
CA ALA B 60 -8.77 -33.08 13.98
C ALA B 60 -9.96 -34.00 13.70
N GLY B 61 -10.16 -34.44 12.47
CA GLY B 61 -11.12 -35.53 12.21
C GLY B 61 -12.46 -35.05 11.68
N ALA B 62 -12.56 -33.80 11.22
CA ALA B 62 -13.82 -33.31 10.66
C ALA B 62 -14.28 -34.21 9.52
N ARG B 63 -15.58 -34.45 9.45
CA ARG B 63 -16.14 -35.29 8.40
CA ARG B 63 -16.19 -35.26 8.41
C ARG B 63 -16.20 -34.49 7.08
N LYS B 64 -16.52 -33.20 7.16
CA LYS B 64 -16.70 -32.39 5.99
C LYS B 64 -16.41 -30.93 6.32
N ILE B 65 -15.60 -30.28 5.49
CA ILE B 65 -15.23 -28.89 5.68
C ILE B 65 -15.55 -28.09 4.41
N TYR B 66 -16.40 -27.09 4.52
CA TYR B 66 -16.67 -26.16 3.44
C TYR B 66 -15.75 -24.96 3.59
N ALA B 67 -14.86 -24.77 2.61
CA ALA B 67 -13.83 -23.75 2.66
C ALA B 67 -14.17 -22.64 1.66
N VAL B 68 -14.64 -21.52 2.17
CA VAL B 68 -15.15 -20.45 1.33
C VAL B 68 -14.06 -19.39 1.16
N GLU B 69 -13.77 -19.03 -0.09
CA GLU B 69 -12.74 -18.04 -0.36
C GLU B 69 -13.13 -17.23 -1.60
N ALA B 70 -13.06 -15.90 -1.47
CA ALA B 70 -13.61 -14.97 -2.46
C ALA B 70 -12.53 -14.55 -3.49
N SER B 71 -11.25 -14.67 -3.13
CA SER B 71 -10.16 -14.30 -4.05
C SER B 71 -9.78 -15.47 -4.96
N THR B 72 -8.90 -15.21 -5.92
CA THR B 72 -8.41 -16.27 -6.81
C THR B 72 -7.55 -17.26 -6.03
N MET B 73 -7.31 -17.02 -4.75
CA MET B 73 -6.59 -17.98 -3.93
C MET B 73 -7.38 -19.28 -3.79
N ALA B 74 -8.71 -19.25 -4.01
CA ALA B 74 -9.54 -20.46 -4.01
C ALA B 74 -8.97 -21.54 -4.95
N GLN B 75 -8.46 -21.12 -6.12
N GLN B 75 -8.46 -21.17 -6.12
CA GLN B 75 -7.85 -22.02 -7.12
CA GLN B 75 -7.92 -22.18 -7.04
C GLN B 75 -6.66 -22.75 -6.47
C GLN B 75 -6.65 -22.79 -6.45
N HIS B 76 -5.87 -21.99 -5.72
CA HIS B 76 -4.67 -22.54 -5.09
C HIS B 76 -5.05 -23.48 -3.93
N ALA B 77 -6.07 -23.14 -3.17
CA ALA B 77 -6.55 -24.02 -2.12
C ALA B 77 -6.98 -25.37 -2.71
N GLU B 78 -7.69 -25.33 -3.84
CA GLU B 78 -8.15 -26.53 -4.51
C GLU B 78 -6.95 -27.43 -4.86
N VAL B 79 -5.88 -26.81 -5.36
CA VAL B 79 -4.66 -27.56 -5.68
C VAL B 79 -4.14 -28.29 -4.43
N LEU B 80 -4.09 -27.61 -3.29
CA LEU B 80 -3.57 -28.23 -2.07
C LEU B 80 -4.50 -29.34 -1.57
N VAL B 81 -5.82 -29.14 -1.66
CA VAL B 81 -6.71 -30.21 -1.22
C VAL B 81 -6.45 -31.49 -2.03
N LYS B 82 -6.29 -31.35 -3.34
CA LYS B 82 -6.02 -32.51 -4.18
C LYS B 82 -4.64 -33.09 -3.86
N SER B 83 -3.64 -32.24 -3.69
CA SER B 83 -2.28 -32.78 -3.49
C SER B 83 -2.12 -33.42 -2.11
N ASN B 84 -2.96 -33.05 -1.14
CA ASN B 84 -2.97 -33.63 0.21
C ASN B 84 -4.00 -34.77 0.33
N ASN B 85 -4.62 -35.18 -0.78
CA ASN B 85 -5.51 -36.35 -0.81
C ASN B 85 -6.67 -36.15 0.16
N LEU B 86 -7.25 -34.95 0.15
CA LEU B 86 -8.36 -34.60 1.05
C LEU B 86 -9.62 -34.19 0.28
N THR B 87 -9.77 -34.68 -0.94
CA THR B 87 -10.89 -34.35 -1.81
C THR B 87 -12.25 -34.81 -1.23
N ASP B 88 -12.23 -35.82 -0.38
CA ASP B 88 -13.47 -36.34 0.18
C ASP B 88 -13.87 -35.58 1.45
N ARG B 89 -13.00 -34.68 1.93
N ARG B 89 -13.07 -34.62 1.89
CA ARG B 89 -13.14 -34.07 3.28
CA ARG B 89 -13.36 -33.97 3.16
C ARG B 89 -13.16 -32.54 3.23
C ARG B 89 -13.38 -32.45 3.02
N ILE B 90 -12.42 -31.87 2.32
CA ILE B 90 -12.40 -30.41 2.20
C ILE B 90 -12.99 -30.03 0.85
N VAL B 91 -14.05 -29.25 0.88
CA VAL B 91 -14.73 -28.80 -0.30
C VAL B 91 -14.57 -27.28 -0.42
N VAL B 92 -13.73 -26.84 -1.35
CA VAL B 92 -13.58 -25.40 -1.59
C VAL B 92 -14.84 -24.89 -2.30
N ILE B 93 -15.40 -23.80 -1.78
CA ILE B 93 -16.52 -23.13 -2.40
CA ILE B 93 -16.54 -23.11 -2.37
C ILE B 93 -16.09 -21.69 -2.73
N PRO B 94 -15.79 -21.42 -4.01
CA PRO B 94 -15.32 -20.10 -4.44
C PRO B 94 -16.43 -19.04 -4.33
N GLY B 95 -16.11 -17.91 -3.71
CA GLY B 95 -17.12 -16.84 -3.54
C GLY B 95 -17.04 -16.14 -2.21
N LYS B 96 -17.86 -15.11 -2.07
CA LYS B 96 -18.04 -14.40 -0.80
C LYS B 96 -19.01 -15.21 0.07
N VAL B 97 -18.75 -15.27 1.38
CA VAL B 97 -19.56 -16.11 2.24
C VAL B 97 -21.01 -15.56 2.28
N GLU B 98 -21.19 -14.30 1.91
CA GLU B 98 -22.52 -13.68 1.89
C GLU B 98 -23.33 -14.16 0.67
N GLU B 99 -22.66 -14.71 -0.35
CA GLU B 99 -23.31 -14.94 -1.67
C GLU B 99 -23.28 -16.41 -2.10
N VAL B 100 -22.55 -17.29 -1.42
CA VAL B 100 -22.41 -18.69 -1.87
C VAL B 100 -23.58 -19.52 -1.33
N SER B 101 -23.72 -20.74 -1.87
CA SER B 101 -24.69 -21.71 -1.39
C SER B 101 -23.95 -22.88 -0.72
N LEU B 102 -24.36 -23.26 0.51
CA LEU B 102 -23.83 -24.45 1.20
C LEU B 102 -24.93 -25.51 1.28
N PRO B 103 -24.58 -26.80 1.12
CA PRO B 103 -25.59 -27.88 1.09
C PRO B 103 -26.16 -28.31 2.46
N GLU B 104 -25.59 -27.82 3.56
CA GLU B 104 -26.07 -28.23 4.86
C GLU B 104 -25.56 -27.24 5.92
N GLN B 105 -26.18 -27.30 7.09
CA GLN B 105 -25.74 -26.48 8.24
C GLN B 105 -24.50 -27.12 8.86
N VAL B 106 -23.76 -26.32 9.62
CA VAL B 106 -22.45 -26.74 10.15
C VAL B 106 -22.46 -26.74 11.67
N ASP B 107 -21.55 -27.53 12.23
CA ASP B 107 -21.35 -27.66 13.66
C ASP B 107 -20.46 -26.54 14.20
N ILE B 108 -19.55 -26.02 13.37
CA ILE B 108 -18.58 -25.05 13.87
C ILE B 108 -18.08 -24.21 12.69
N ILE B 109 -17.89 -22.92 12.96
CA ILE B 109 -17.34 -21.99 11.99
C ILE B 109 -15.94 -21.60 12.48
N ILE B 110 -14.96 -21.64 11.56
CA ILE B 110 -13.60 -21.23 11.89
C ILE B 110 -13.18 -20.14 10.90
N SER B 111 -12.36 -19.21 11.37
CA SER B 111 -11.92 -18.09 10.54
C SER B 111 -10.78 -17.35 11.27
N GLU B 112 -10.05 -16.54 10.51
CA GLU B 112 -9.08 -15.58 11.08
C GLU B 112 -9.47 -14.19 10.56
N PRO B 113 -10.52 -13.60 11.16
CA PRO B 113 -11.08 -12.34 10.67
C PRO B 113 -10.57 -11.08 11.36
N MET B 114 -9.54 -11.19 12.19
CA MET B 114 -9.10 -10.05 13.01
C MET B 114 -8.21 -9.11 12.19
N GLY B 115 -8.45 -7.81 12.37
CA GLY B 115 -7.58 -6.78 11.85
C GLY B 115 -7.00 -5.93 12.97
N TYR B 116 -6.33 -4.85 12.58
CA TYR B 116 -5.80 -3.91 13.56
C TYR B 116 -6.93 -3.50 14.51
N MET B 117 -6.63 -3.37 15.80
CA MET B 117 -7.67 -2.95 16.76
C MET B 117 -8.87 -3.91 16.73
N LEU B 118 -8.63 -5.16 16.34
CA LEU B 118 -9.63 -6.25 16.14
C LEU B 118 -10.53 -5.99 14.92
N PHE B 119 -11.16 -4.82 14.83
CA PHE B 119 -12.27 -4.61 13.90
C PHE B 119 -11.82 -4.12 12.51
N ASN B 120 -10.60 -3.64 12.36
CA ASN B 120 -10.21 -3.10 11.07
C ASN B 120 -10.31 -4.22 10.00
N GLU B 121 -10.69 -3.81 8.78
CA GLU B 121 -10.92 -4.69 7.61
C GLU B 121 -12.40 -5.11 7.55
N ARG B 122 -13.11 -5.04 8.68
CA ARG B 122 -14.54 -5.33 8.80
C ARG B 122 -14.83 -6.81 8.43
N MET B 123 -13.84 -7.70 8.52
CA MET B 123 -14.07 -9.10 8.18
C MET B 123 -14.94 -9.78 9.26
N LEU B 124 -15.01 -9.22 10.48
CA LEU B 124 -15.87 -9.85 11.49
C LEU B 124 -17.35 -9.84 11.05
N GLU B 125 -17.75 -8.89 10.21
CA GLU B 125 -19.14 -8.85 9.71
C GLU B 125 -19.44 -10.10 8.86
N SER B 126 -18.47 -10.52 8.05
CA SER B 126 -18.61 -11.73 7.22
C SER B 126 -18.63 -12.97 8.12
N TYR B 127 -17.79 -12.98 9.15
CA TYR B 127 -17.78 -14.06 10.09
C TYR B 127 -19.13 -14.21 10.79
N LEU B 128 -19.70 -13.09 11.24
CA LEU B 128 -20.99 -13.15 11.92
C LEU B 128 -22.10 -13.47 10.92
N HIS B 129 -22.00 -12.96 9.71
CA HIS B 129 -22.96 -13.27 8.64
C HIS B 129 -23.09 -14.79 8.46
N ALA B 130 -21.95 -15.48 8.55
CA ALA B 130 -21.86 -16.92 8.31
C ALA B 130 -22.67 -17.76 9.31
N LYS B 131 -23.07 -17.16 10.44
N LYS B 131 -23.06 -17.18 10.46
CA LYS B 131 -23.83 -17.85 11.47
CA LYS B 131 -23.84 -17.91 11.47
C LYS B 131 -25.21 -18.30 10.94
C LYS B 131 -25.22 -18.33 10.93
N LYS B 132 -25.64 -17.80 9.79
CA LYS B 132 -26.88 -18.28 9.14
C LYS B 132 -26.74 -19.79 8.84
N TYR B 133 -25.52 -20.27 8.72
CA TYR B 133 -25.26 -21.70 8.44
C TYR B 133 -25.03 -22.51 9.72
N LEU B 134 -25.02 -21.89 10.90
CA LEU B 134 -24.59 -22.57 12.10
C LEU B 134 -25.77 -23.31 12.74
N LYS B 135 -25.58 -24.58 13.08
CA LYS B 135 -26.60 -25.37 13.78
C LYS B 135 -26.84 -24.75 15.16
N PRO B 136 -28.04 -24.96 15.72
CA PRO B 136 -28.32 -24.38 17.03
C PRO B 136 -27.28 -24.70 18.12
N SER B 137 -26.75 -25.91 18.15
CA SER B 137 -25.77 -26.30 19.17
C SER B 137 -24.34 -25.78 18.84
N GLY B 138 -24.20 -24.93 17.83
CA GLY B 138 -22.91 -24.78 17.12
C GLY B 138 -21.92 -23.85 17.82
N ASN B 139 -20.66 -23.96 17.41
CA ASN B 139 -19.57 -23.21 18.01
C ASN B 139 -18.87 -22.36 16.94
N MET B 140 -18.07 -21.42 17.43
CA MET B 140 -17.27 -20.58 16.58
C MET B 140 -15.86 -20.44 17.16
N PHE B 141 -14.87 -20.49 16.27
CA PHE B 141 -13.46 -20.40 16.60
C PHE B 141 -12.83 -19.33 15.71
N PRO B 142 -12.56 -18.13 16.23
CA PRO B 142 -12.61 -17.74 17.63
C PRO B 142 -14.04 -17.51 18.15
N THR B 143 -14.20 -17.63 19.46
CA THR B 143 -15.50 -17.57 20.11
C THR B 143 -15.79 -16.15 20.62
N ILE B 144 -14.78 -15.52 21.21
CA ILE B 144 -14.90 -14.16 21.74
C ILE B 144 -13.64 -13.37 21.35
N GLY B 145 -13.82 -12.05 21.33
CA GLY B 145 -12.72 -11.12 21.18
C GLY B 145 -12.79 -10.05 22.26
N ASP B 146 -11.65 -9.80 22.90
CA ASP B 146 -11.54 -8.79 23.94
C ASP B 146 -10.67 -7.65 23.39
N VAL B 147 -11.23 -6.46 23.28
CA VAL B 147 -10.46 -5.27 22.97
C VAL B 147 -10.00 -4.65 24.29
N HIS B 148 -8.73 -4.33 24.36
CA HIS B 148 -8.15 -3.65 25.52
C HIS B 148 -7.73 -2.24 25.10
N LEU B 149 -7.99 -1.28 25.99
CA LEU B 149 -7.52 0.07 25.80
C LEU B 149 -6.90 0.59 27.11
N ALA B 150 -5.89 1.45 26.96
CA ALA B 150 -5.22 2.03 28.11
C ALA B 150 -4.62 3.38 27.72
N PRO B 151 -4.62 4.34 28.65
CA PRO B 151 -3.95 5.61 28.38
C PRO B 151 -2.42 5.47 28.38
N PHE B 152 -1.76 6.25 27.52
CA PHE B 152 -0.31 6.21 27.44
C PHE B 152 0.26 7.63 27.46
N THR B 153 1.53 7.69 27.80
CA THR B 153 2.31 8.91 27.70
C THR B 153 3.45 8.66 26.69
N ASP B 154 3.59 9.55 25.71
CA ASP B 154 4.67 9.45 24.72
C ASP B 154 4.83 10.83 24.04
N GLU B 155 5.61 11.70 24.70
CA GLU B 155 5.82 13.06 24.23
C GLU B 155 6.53 13.03 22.86
N GLN B 156 7.44 12.09 22.70
CA GLN B 156 8.23 11.93 21.46
C GLN B 156 7.30 11.68 20.26
N LEU B 157 6.36 10.76 20.40
CA LEU B 157 5.41 10.45 19.32
C LEU B 157 4.53 11.66 19.04
N TYR B 158 4.03 12.31 20.07
CA TYR B 158 3.23 13.53 19.93
C TYR B 158 4.01 14.58 19.13
N MET B 159 5.27 14.81 19.48
CA MET B 159 6.08 15.85 18.82
C MET B 159 6.41 15.42 17.38
N GLU B 160 6.60 14.11 17.16
CA GLU B 160 6.86 13.57 15.80
C GLU B 160 5.73 13.98 14.85
N GLN B 161 4.50 13.76 15.29
CA GLN B 161 3.34 13.99 14.44
C GLN B 161 3.10 15.49 14.30
N PHE B 162 3.37 16.25 15.35
CA PHE B 162 3.14 17.69 15.28
C PHE B 162 4.16 18.32 14.33
N THR B 163 5.38 17.79 14.32
CA THR B 163 6.44 18.30 13.44
C THR B 163 6.01 18.13 11.98
N LYS B 164 5.40 16.99 11.66
CA LYS B 164 4.98 16.73 10.27
C LYS B 164 3.87 17.72 9.89
N ALA B 165 2.91 17.91 10.79
CA ALA B 165 1.76 18.77 10.51
C ALA B 165 2.22 20.23 10.33
N ASN B 166 3.27 20.60 11.05
CA ASN B 166 3.76 21.98 11.09
C ASN B 166 4.35 22.38 9.73
N PHE B 167 4.60 21.43 8.83
CA PHE B 167 4.94 21.76 7.45
C PHE B 167 3.93 22.77 6.89
N TRP B 168 2.67 22.62 7.25
CA TRP B 168 1.61 23.45 6.66
C TRP B 168 1.43 24.76 7.44
N TYR B 169 2.38 25.08 8.31
CA TYR B 169 2.38 26.36 9.02
C TYR B 169 3.20 27.38 8.23
N GLN B 170 3.97 26.92 7.24
CA GLN B 170 4.97 27.72 6.53
C GLN B 170 4.31 28.88 5.77
N PRO B 171 4.72 30.14 6.06
CA PRO B 171 4.24 31.30 5.29
C PRO B 171 4.91 31.47 3.92
N SER B 172 6.00 30.76 3.65
CA SER B 172 6.72 30.94 2.39
C SER B 172 7.52 29.67 2.05
N PHE B 173 6.78 28.63 1.70
CA PHE B 173 7.38 27.40 1.16
C PHE B 173 7.63 27.61 -0.35
N HIS B 174 8.90 27.73 -0.74
CA HIS B 174 9.26 28.13 -2.11
C HIS B 174 8.43 29.36 -2.53
N GLY B 175 8.22 30.29 -1.59
CA GLY B 175 7.51 31.53 -1.86
C GLY B 175 6.01 31.45 -1.65
N VAL B 176 5.46 30.28 -1.31
CA VAL B 176 4.01 30.08 -1.21
C VAL B 176 3.61 29.99 0.26
N ASP B 177 2.54 30.71 0.62
CA ASP B 177 1.97 30.66 1.95
C ASP B 177 1.06 29.42 2.06
N LEU B 178 1.43 28.48 2.93
CA LEU B 178 0.64 27.26 3.16
C LEU B 178 -0.24 27.39 4.41
N SER B 179 -0.04 28.44 5.21
CA SER B 179 -0.56 28.49 6.58
C SER B 179 -2.09 28.46 6.64
N ALA B 180 -2.81 28.77 5.57
CA ALA B 180 -4.26 28.66 5.62
C ALA B 180 -4.67 27.19 5.90
N LEU B 181 -3.77 26.25 5.65
CA LEU B 181 -4.08 24.82 5.84
C LEU B 181 -3.48 24.28 7.14
N ARG B 182 -3.01 25.16 8.04
CA ARG B 182 -2.40 24.71 9.30
C ARG B 182 -3.39 23.81 10.04
N GLY B 183 -4.61 24.30 10.24
CA GLY B 183 -5.65 23.58 10.98
C GLY B 183 -6.03 22.26 10.32
N ALA B 184 -6.21 22.29 9.00
CA ALA B 184 -6.58 21.09 8.26
C ALA B 184 -5.49 20.03 8.41
N ALA B 185 -4.22 20.43 8.39
CA ALA B 185 -3.10 19.48 8.46
C ALA B 185 -2.97 18.86 9.85
N VAL B 186 -3.04 19.68 10.90
CA VAL B 186 -2.96 19.13 12.25
C VAL B 186 -4.07 18.11 12.43
N ASP B 187 -5.28 18.46 12.03
CA ASP B 187 -6.44 17.56 12.14
C ASP B 187 -6.15 16.25 11.40
N GLU B 188 -5.68 16.33 10.16
CA GLU B 188 -5.46 15.09 9.39
C GLU B 188 -4.41 14.20 10.08
N TYR B 189 -3.28 14.75 10.49
CA TYR B 189 -2.21 13.95 11.08
C TYR B 189 -2.69 13.28 12.39
N PHE B 190 -3.46 14.00 13.20
CA PHE B 190 -3.88 13.44 14.49
C PHE B 190 -5.09 12.51 14.33
N ARG B 191 -5.65 12.41 13.14
CA ARG B 191 -6.65 11.38 12.82
C ARG B 191 -5.97 10.06 12.43
N GLN B 192 -4.66 10.04 12.26
CA GLN B 192 -3.95 8.80 11.89
C GLN B 192 -3.71 7.93 13.13
N PRO B 193 -4.29 6.73 13.15
CA PRO B 193 -3.86 5.80 14.22
C PRO B 193 -2.42 5.33 13.96
N VAL B 194 -1.67 5.15 15.03
CA VAL B 194 -0.26 4.85 14.95
C VAL B 194 -0.09 3.35 15.22
N VAL B 195 0.36 2.61 14.22
CA VAL B 195 0.58 1.18 14.35
C VAL B 195 2.07 0.96 14.61
N ASP B 196 2.37 0.48 15.83
CA ASP B 196 3.71 0.05 16.22
C ASP B 196 3.60 -0.57 17.62
N THR B 197 4.73 -0.86 18.24
CA THR B 197 4.74 -1.35 19.61
C THR B 197 5.42 -0.31 20.49
N PHE B 198 5.47 -0.62 21.77
CA PHE B 198 5.94 0.33 22.78
C PHE B 198 6.25 -0.45 24.06
N ASP B 199 7.01 0.21 24.92
CA ASP B 199 7.31 -0.31 26.23
C ASP B 199 6.06 -0.18 27.12
N ILE B 200 5.70 -1.23 27.86
CA ILE B 200 4.51 -1.22 28.71
C ILE B 200 4.59 -0.12 29.78
N ARG B 201 5.80 0.36 30.10
CA ARG B 201 5.94 1.40 31.12
C ARG B 201 5.37 2.74 30.64
N ILE B 202 4.97 2.86 29.37
CA ILE B 202 4.32 4.11 28.92
C ILE B 202 2.83 4.10 29.29
N LEU B 203 2.28 2.95 29.69
CA LEU B 203 0.86 2.86 30.03
C LEU B 203 0.64 3.43 31.44
N MET B 204 -0.37 4.27 31.58
CA MET B 204 -0.57 5.10 32.78
CA MET B 204 -0.53 5.07 32.80
C MET B 204 -1.70 4.53 33.65
N ALA B 205 -2.39 3.49 33.18
CA ALA B 205 -3.46 2.88 33.96
C ALA B 205 -3.66 1.44 33.49
N LYS B 206 -4.29 0.62 34.33
CA LYS B 206 -4.68 -0.73 33.94
C LYS B 206 -5.68 -0.64 32.77
N SER B 207 -5.57 -1.57 31.82
CA SER B 207 -6.42 -1.54 30.64
C SER B 207 -7.88 -1.83 31.01
N VAL B 208 -8.79 -1.30 30.19
CA VAL B 208 -10.21 -1.60 30.24
C VAL B 208 -10.49 -2.55 29.07
N LYS B 209 -11.38 -3.50 29.30
CA LYS B 209 -11.66 -4.57 28.36
C LYS B 209 -13.06 -4.36 27.78
N TYR B 210 -13.20 -4.50 26.47
CA TYR B 210 -14.51 -4.59 25.84
C TYR B 210 -14.61 -5.94 25.11
N THR B 211 -15.60 -6.75 25.48
CA THR B 211 -15.75 -8.10 24.95
C THR B 211 -16.85 -8.17 23.89
N VAL B 212 -16.51 -8.75 22.74
CA VAL B 212 -17.48 -9.14 21.72
C VAL B 212 -17.61 -10.66 21.76
N ASN B 213 -18.81 -11.14 22.01
CA ASN B 213 -19.07 -12.57 22.02
C ASN B 213 -19.62 -12.95 20.65
N PHE B 214 -18.83 -13.65 19.85
CA PHE B 214 -19.21 -13.90 18.44
C PHE B 214 -20.38 -14.89 18.34
N LEU B 215 -20.62 -15.71 19.36
CA LEU B 215 -21.79 -16.60 19.37
C LEU B 215 -23.07 -15.78 19.50
N GLU B 216 -23.00 -14.57 20.07
CA GLU B 216 -24.21 -13.79 20.37
C GLU B 216 -24.34 -12.56 19.45
N ALA B 217 -23.22 -11.99 18.99
CA ALA B 217 -23.23 -10.74 18.24
C ALA B 217 -23.87 -10.95 16.85
N LYS B 218 -24.55 -9.92 16.37
CA LYS B 218 -25.13 -9.86 15.03
C LYS B 218 -24.26 -8.95 14.15
N GLU B 219 -24.24 -9.24 12.86
CA GLU B 219 -23.44 -8.51 11.90
C GLU B 219 -23.68 -6.99 12.05
N GLY B 220 -24.95 -6.60 12.19
CA GLY B 220 -25.32 -5.19 12.22
C GLY B 220 -24.76 -4.45 13.43
N ASP B 221 -24.56 -5.19 14.52
CA ASP B 221 -24.01 -4.65 15.76
C ASP B 221 -22.62 -4.05 15.52
N LEU B 222 -21.87 -4.59 14.56
CA LEU B 222 -20.52 -4.09 14.34
C LEU B 222 -20.54 -2.79 13.52
N HIS B 223 -21.72 -2.29 13.10
CA HIS B 223 -21.79 -1.01 12.39
C HIS B 223 -21.61 0.16 13.37
N ARG B 224 -21.95 -0.08 14.63
CA ARG B 224 -21.81 0.96 15.67
C ARG B 224 -21.33 0.29 16.95
N ILE B 225 -20.06 0.52 17.30
CA ILE B 225 -19.47 -0.10 18.47
C ILE B 225 -19.12 1.00 19.48
N GLU B 226 -19.75 0.95 20.64
CA GLU B 226 -19.57 1.97 21.67
C GLU B 226 -18.81 1.33 22.82
N ILE B 227 -17.60 1.82 23.09
CA ILE B 227 -16.75 1.28 24.16
C ILE B 227 -16.59 2.34 25.26
N PRO B 228 -17.30 2.17 26.37
CA PRO B 228 -17.15 3.02 27.54
C PRO B 228 -15.86 2.67 28.31
N PHE B 229 -15.24 3.67 28.95
CA PHE B 229 -14.06 3.39 29.75
C PHE B 229 -14.01 4.36 30.94
N LYS B 230 -13.44 3.85 32.02
CA LYS B 230 -13.07 4.62 33.20
C LYS B 230 -11.75 4.05 33.72
N PHE B 231 -10.70 4.85 33.61
CA PHE B 231 -9.35 4.47 34.02
C PHE B 231 -9.04 5.07 35.38
N HIS B 232 -8.42 4.26 36.23
CA HIS B 232 -7.86 4.74 37.50
C HIS B 232 -6.37 5.00 37.28
N MET B 233 -6.01 6.28 37.22
CA MET B 233 -4.66 6.67 36.82
C MET B 233 -3.67 6.24 37.91
N LEU B 234 -2.65 5.48 37.51
CA LEU B 234 -1.65 4.95 38.44
C LEU B 234 -0.41 5.85 38.49
N HIS B 235 -0.28 6.73 37.50
CA HIS B 235 0.87 7.64 37.40
C HIS B 235 0.38 9.04 37.04
N SER B 236 1.08 10.05 37.54
CA SER B 236 0.82 11.43 37.20
C SER B 236 1.57 11.78 35.90
N GLY B 237 0.97 12.61 35.05
CA GLY B 237 1.65 13.07 33.84
C GLY B 237 0.66 13.35 32.71
N LEU B 238 1.21 13.64 31.54
CA LEU B 238 0.40 13.96 30.37
C LEU B 238 -0.04 12.64 29.71
N VAL B 239 -1.32 12.56 29.42
CA VAL B 239 -1.87 11.45 28.65
C VAL B 239 -1.92 11.90 27.18
N HIS B 240 -1.17 11.23 26.32
CA HIS B 240 -1.06 11.65 24.91
C HIS B 240 -2.07 10.91 24.04
N GLY B 241 -2.72 9.88 24.58
CA GLY B 241 -3.74 9.15 23.82
C GLY B 241 -4.13 7.84 24.48
N LEU B 242 -4.86 7.01 23.74
CA LEU B 242 -5.19 5.66 24.17
C LEU B 242 -4.49 4.65 23.26
N ALA B 243 -4.00 3.59 23.89
CA ALA B 243 -3.43 2.43 23.23
C ALA B 243 -4.46 1.31 23.18
N PHE B 244 -4.47 0.57 22.07
CA PHE B 244 -5.42 -0.51 21.84
C PHE B 244 -4.68 -1.79 21.45
N TRP B 245 -5.20 -2.89 21.95
CA TRP B 245 -4.79 -4.21 21.49
C TRP B 245 -5.96 -5.17 21.68
N PHE B 246 -5.79 -6.44 21.30
CA PHE B 246 -6.89 -7.37 21.44
C PHE B 246 -6.39 -8.79 21.69
N ASP B 247 -7.27 -9.56 22.32
CA ASP B 247 -7.11 -11.00 22.47
C ASP B 247 -8.34 -11.67 21.85
N VAL B 248 -8.17 -12.88 21.32
CA VAL B 248 -9.31 -13.72 20.99
C VAL B 248 -9.16 -15.05 21.74
N ALA B 249 -10.29 -15.65 22.09
CA ALA B 249 -10.32 -16.95 22.73
C ALA B 249 -11.11 -17.93 21.86
N PHE B 250 -10.55 -19.13 21.80
CA PHE B 250 -11.14 -20.30 21.20
C PHE B 250 -11.67 -21.14 22.35
N ILE B 251 -12.96 -21.03 22.60
CA ILE B 251 -13.57 -21.69 23.75
C ILE B 251 -14.11 -23.05 23.29
N GLY B 252 -13.26 -24.04 23.44
CA GLY B 252 -13.58 -25.39 23.02
C GLY B 252 -14.15 -26.21 24.17
N SER B 253 -14.57 -27.42 23.86
N SER B 253 -14.60 -27.41 23.86
CA SER B 253 -15.15 -28.33 24.85
CA SER B 253 -15.14 -28.32 24.88
C SER B 253 -14.08 -28.94 25.76
C SER B 253 -14.03 -28.76 25.84
N ILE B 254 -12.82 -28.98 25.31
CA ILE B 254 -11.73 -29.54 26.11
C ILE B 254 -10.94 -28.41 26.80
N MET B 255 -10.65 -27.32 26.09
CA MET B 255 -9.92 -26.24 26.73
C MET B 255 -10.12 -24.94 25.94
N THR B 256 -9.86 -23.84 26.62
CA THR B 256 -9.84 -22.53 26.01
C THR B 256 -8.40 -22.19 25.66
N VAL B 257 -8.19 -21.78 24.40
CA VAL B 257 -6.90 -21.33 23.94
C VAL B 257 -7.02 -19.85 23.55
N TRP B 258 -6.02 -19.07 23.95
CA TRP B 258 -5.98 -17.63 23.71
C TRP B 258 -4.92 -17.27 22.69
N LEU B 259 -5.27 -16.31 21.84
CA LEU B 259 -4.31 -15.62 21.00
C LEU B 259 -4.32 -14.14 21.42
N SER B 260 -3.18 -13.65 21.91
CA SER B 260 -3.09 -12.29 22.45
C SER B 260 -2.12 -11.45 21.61
N THR B 261 -2.50 -10.18 21.39
CA THR B 261 -1.61 -9.20 20.76
C THR B 261 -1.21 -8.13 21.78
N ALA B 262 -1.29 -8.45 23.07
CA ALA B 262 -0.99 -7.48 24.14
C ALA B 262 0.49 -7.11 24.14
N PRO B 263 0.83 -5.90 24.63
CA PRO B 263 2.23 -5.47 24.61
C PRO B 263 3.10 -6.16 25.68
N THR B 264 2.47 -6.98 26.52
CA THR B 264 3.16 -7.86 27.46
C THR B 264 3.51 -9.22 26.80
N GLU B 265 3.02 -9.45 25.59
CA GLU B 265 3.22 -10.70 24.89
C GLU B 265 4.15 -10.45 23.71
N PRO B 266 4.75 -11.53 23.16
CA PRO B 266 5.61 -11.41 21.99
C PRO B 266 4.90 -10.57 20.92
N LEU B 267 5.63 -9.61 20.35
CA LEU B 267 5.09 -8.75 19.31
C LEU B 267 4.49 -9.65 18.22
N THR B 268 3.32 -9.26 17.71
CA THR B 268 2.69 -9.94 16.57
C THR B 268 2.61 -8.96 15.39
N HIS B 269 2.10 -9.45 14.26
CA HIS B 269 1.95 -8.60 13.05
C HIS B 269 0.73 -7.69 13.13
N TRP B 270 -0.09 -7.82 14.17
CA TRP B 270 -1.11 -6.84 14.50
C TRP B 270 -0.50 -5.66 15.27
N TYR B 271 0.70 -5.84 15.82
CA TYR B 271 1.35 -4.81 16.62
C TYR B 271 0.40 -4.35 17.73
N GLN B 272 0.39 -3.05 18.00
CA GLN B 272 -0.65 -2.39 18.78
C GLN B 272 -1.00 -1.09 18.05
N VAL B 273 -2.09 -0.46 18.46
CA VAL B 273 -2.56 0.75 17.79
C VAL B 273 -2.70 1.86 18.82
N ARG B 274 -2.19 3.04 18.50
CA ARG B 274 -2.39 4.19 19.40
C ARG B 274 -3.11 5.33 18.68
N CYS B 275 -4.10 5.88 19.35
CA CYS B 275 -4.85 7.05 18.89
C CYS B 275 -4.39 8.26 19.71
N LEU B 276 -3.76 9.24 19.06
CA LEU B 276 -3.20 10.44 19.74
C LEU B 276 -4.31 11.49 19.97
N PHE B 277 -4.11 12.25 21.05
CA PHE B 277 -4.90 13.44 21.30
C PHE B 277 -4.16 14.64 20.70
N GLN B 278 -4.90 15.51 20.02
CA GLN B 278 -4.34 16.75 19.48
C GLN B 278 -3.76 17.58 20.63
N SER B 279 -4.45 17.52 21.77
CA SER B 279 -4.03 18.18 23.00
C SER B 279 -3.92 17.13 24.11
N PRO B 280 -2.70 16.87 24.60
CA PRO B 280 -2.57 15.93 25.71
C PRO B 280 -3.30 16.44 26.97
N LEU B 281 -3.77 15.50 27.78
CA LEU B 281 -4.46 15.81 29.03
C LEU B 281 -3.52 15.52 30.20
N PHE B 282 -3.45 16.43 31.16
CA PHE B 282 -2.75 16.12 32.39
C PHE B 282 -3.70 15.40 33.36
N ALA B 283 -3.18 14.37 34.01
CA ALA B 283 -3.87 13.70 35.10
C ALA B 283 -2.88 13.33 36.21
N LYS B 284 -3.37 13.39 37.45
CA LYS B 284 -2.61 12.94 38.61
C LYS B 284 -2.98 11.49 38.93
N ALA B 285 -2.01 10.77 39.50
CA ALA B 285 -2.25 9.44 40.01
C ALA B 285 -3.42 9.50 40.99
N GLY B 286 -4.38 8.60 40.84
CA GLY B 286 -5.60 8.59 41.66
C GLY B 286 -6.79 9.22 40.96
N ASP B 287 -6.56 10.08 39.96
CA ASP B 287 -7.65 10.66 39.17
C ASP B 287 -8.31 9.56 38.34
N THR B 288 -9.48 9.87 37.81
CA THR B 288 -10.15 8.96 36.90
C THR B 288 -10.27 9.63 35.54
N LEU B 289 -10.00 8.86 34.48
CA LEU B 289 -10.12 9.31 33.11
C LEU B 289 -11.25 8.50 32.47
N SER B 290 -12.33 9.17 32.12
N SER B 290 -12.31 9.19 32.07
CA SER B 290 -13.53 8.49 31.67
CA SER B 290 -13.56 8.53 31.68
C SER B 290 -13.87 8.97 30.25
C SER B 290 -14.05 9.05 30.32
N GLY B 291 -14.65 8.17 29.54
CA GLY B 291 -15.13 8.58 28.25
C GLY B 291 -15.67 7.42 27.45
N THR B 292 -15.86 7.69 26.17
N THR B 292 -15.61 7.59 26.13
CA THR B 292 -16.46 6.73 25.29
CA THR B 292 -16.09 6.58 25.18
C THR B 292 -15.69 6.77 23.97
C THR B 292 -15.22 6.56 23.91
N CYS B 293 -15.30 5.56 23.55
N CYS B 293 -15.13 5.36 23.34
CA CYS B 293 -14.84 5.27 22.21
CA CYS B 293 -14.62 5.14 22.03
C CYS B 293 -16.05 4.85 21.37
C CYS B 293 -15.80 4.65 21.19
N LEU B 294 -16.21 5.44 20.19
CA LEU B 294 -17.32 5.09 19.32
C LEU B 294 -16.77 4.77 17.93
N LEU B 295 -16.96 3.53 17.48
CA LEU B 295 -16.54 3.13 16.13
C LEU B 295 -17.76 3.06 15.23
N ILE B 296 -17.73 3.83 14.15
CA ILE B 296 -18.83 3.89 13.20
C ILE B 296 -18.32 3.35 11.87
N ALA B 297 -18.98 2.34 11.34
CA ALA B 297 -18.53 1.70 10.10
C ALA B 297 -18.74 2.65 8.91
N ASN B 298 -17.77 2.62 7.98
CA ASN B 298 -17.81 3.46 6.76
C ASN B 298 -17.62 2.55 5.54
N LYS B 299 -17.55 3.16 4.36
CA LYS B 299 -17.62 2.43 3.08
C LYS B 299 -16.27 1.77 2.73
N ARG B 300 -15.17 2.18 3.36
CA ARG B 300 -13.84 1.74 2.96
C ARG B 300 -13.41 0.50 3.76
N GLN B 301 -14.37 -0.34 4.15
CA GLN B 301 -14.09 -1.55 4.95
C GLN B 301 -13.35 -1.16 6.23
N SER B 302 -13.73 -0.01 6.81
CA SER B 302 -13.04 0.52 7.99
C SER B 302 -14.03 1.32 8.85
N TYR B 303 -13.48 2.14 9.75
CA TYR B 303 -14.29 2.82 10.74
C TYR B 303 -13.83 4.27 10.92
N ASP B 304 -14.81 5.13 11.19
CA ASP B 304 -14.57 6.44 11.78
C ASP B 304 -14.67 6.27 13.30
N ILE B 305 -13.62 6.64 14.02
CA ILE B 305 -13.58 6.43 15.44
C ILE B 305 -13.70 7.81 16.09
N SER B 306 -14.53 7.87 17.13
CA SER B 306 -14.67 9.05 17.96
C SER B 306 -14.18 8.69 19.36
N ILE B 307 -13.17 9.39 19.87
CA ILE B 307 -12.75 9.16 21.24
C ILE B 307 -12.89 10.47 22.02
N VAL B 308 -13.75 10.43 23.04
CA VAL B 308 -13.91 11.52 23.98
C VAL B 308 -13.43 11.03 25.35
N ALA B 309 -12.43 11.72 25.92
CA ALA B 309 -11.89 11.37 27.25
C ALA B 309 -11.82 12.62 28.13
N GLN B 310 -12.22 12.50 29.39
CA GLN B 310 -12.15 13.63 30.32
C GLN B 310 -11.52 13.15 31.64
N VAL B 311 -10.74 14.03 32.25
CA VAL B 311 -10.28 13.80 33.62
C VAL B 311 -11.38 14.31 34.55
N ASP B 312 -11.99 13.40 35.29
CA ASP B 312 -13.23 13.67 35.99
C ASP B 312 -13.02 14.77 37.04
N GLN B 313 -11.88 14.75 37.69
CA GLN B 313 -11.62 15.63 38.84
C GLN B 313 -11.46 17.09 38.38
N THR B 314 -11.01 17.33 37.14
CA THR B 314 -10.70 18.70 36.69
C THR B 314 -11.62 19.15 35.54
N GLY B 315 -12.30 18.21 34.88
CA GLY B 315 -13.10 18.57 33.72
C GLY B 315 -12.25 18.81 32.48
N SER B 316 -10.98 18.39 32.49
CA SER B 316 -10.13 18.49 31.30
C SER B 316 -10.58 17.44 30.28
N LYS B 317 -11.04 17.89 29.13
CA LYS B 317 -11.69 17.01 28.14
C LYS B 317 -10.92 17.07 26.81
N SER B 318 -10.79 15.90 26.18
CA SER B 318 -10.21 15.74 24.83
C SER B 318 -11.22 15.02 23.93
N SER B 319 -11.62 15.66 22.83
CA SER B 319 -12.49 15.05 21.81
C SER B 319 -11.66 14.84 20.54
N ASN B 320 -11.72 13.64 19.96
CA ASN B 320 -10.74 13.22 18.97
C ASN B 320 -11.42 12.36 17.89
N LEU B 321 -10.85 12.42 16.68
CA LEU B 321 -11.24 11.53 15.56
C LEU B 321 -10.06 10.63 15.18
N LEU B 322 -10.40 9.47 14.65
CA LEU B 322 -9.42 8.53 14.15
C LEU B 322 -9.91 8.03 12.80
N ASP B 323 -9.02 8.08 11.82
CA ASP B 323 -9.29 7.63 10.47
C ASP B 323 -8.53 6.31 10.27
N LEU B 324 -9.20 5.20 10.52
CA LEU B 324 -8.55 3.90 10.52
C LEU B 324 -8.19 3.48 9.08
N LYS B 325 -8.74 4.17 8.07
CA LYS B 325 -8.35 3.95 6.67
C LYS B 325 -6.90 4.38 6.44
N ASN B 326 -6.37 5.30 7.26
CA ASN B 326 -5.12 5.99 6.94
C ASN B 326 -4.12 5.84 8.11
N PRO B 327 -3.74 4.60 8.44
CA PRO B 327 -2.85 4.44 9.59
C PRO B 327 -1.40 4.87 9.31
N PHE B 328 -0.70 5.26 10.37
CA PHE B 328 0.74 5.53 10.32
C PHE B 328 1.49 4.29 10.83
N PHE B 329 2.13 3.57 9.90
CA PHE B 329 2.97 2.42 10.23
C PHE B 329 4.35 2.91 10.66
N ARG B 330 4.57 2.95 11.97
CA ARG B 330 5.73 3.63 12.54
C ARG B 330 6.86 2.63 12.81
N TYR B 331 6.52 1.36 13.00
CA TYR B 331 7.47 0.36 13.49
C TYR B 331 8.72 0.31 12.60
N THR B 332 9.89 0.49 13.22
CA THR B 332 11.17 0.46 12.52
C THR B 332 12.13 -0.49 13.26
C4 HDG C . 0.73 14.16 -9.18
C3 HDG C . -0.56 13.48 -8.75
C2 HDG C . -1.82 14.33 -8.77
C5 HDG C . 1.93 13.19 -9.05
C6 HDG C . 1.71 11.82 -9.69
C1 HDG C . -2.90 13.90 -7.77
O3 HDG C . 4.57 11.23 -7.99
C8 HDG C . 3.58 10.65 -8.39
N1 HDG C . 2.92 9.78 -7.65
C9 HDG C . 3.39 9.49 -6.29
C10 HDG C . 2.32 8.93 -5.40
C11 HDG C . 2.78 8.93 -3.97
C17 HDG C . 2.69 10.09 -3.20
C16 HDG C . 3.14 10.11 -1.89
C14 HDG C . 3.66 8.97 -1.32
O2 HDG C . 4.13 9.13 -0.04
C15 HDG C . 4.78 8.01 0.58
C13 HDG C . 3.73 7.79 -2.06
C12 HDG C . 3.30 7.78 -3.38
C7 HDG C . 3.08 10.98 -9.79
N HDG C . 4.13 11.70 -10.49
C18 HDG C . 1.04 15.42 -8.38
N2 HDG C . 2.18 16.25 -8.77
C19 HDG C . 2.23 17.41 -7.85
C20 HDG C . 3.61 18.03 -7.70
C25 HDG C . 4.26 18.04 -6.48
C24 HDG C . 5.55 18.50 -6.38
C23 HDG C . 6.21 18.97 -7.48
C22 HDG C . 5.57 19.00 -8.70
C21 HDG C . 4.27 18.53 -8.81
O1 HDG C . -3.28 14.98 -6.92
O4 HDG C . -2.42 14.25 -10.08
C26 HDG C . -3.81 14.15 -9.92
C HDG C . -4.01 13.34 -8.65
O HDG C . -5.31 13.52 -8.10
N3 HDG C . -4.35 13.56 -11.14
C31 HDG C . -3.98 12.36 -11.70
N7 HDG C . -4.60 12.08 -12.82
C30 HDG C . -5.44 13.18 -13.02
C27 HDG C . -5.29 14.10 -11.98
C29 HDG C . -6.35 13.50 -14.04
N6 HDG C . -6.61 12.71 -15.08
N5 HDG C . -7.02 14.68 -13.93
C28 HDG C . -6.78 15.46 -12.88
N4 HDG C . -5.93 15.27 -11.86
O6 P15 D . -2.11 5.37 -5.52
C12 P15 D . -0.92 6.12 -5.81
C11 P15 D . -0.21 5.56 -7.04
O5 P15 D . 1.14 5.22 -6.70
C10 P15 D . 1.74 4.22 -7.55
C9 P15 D . 2.98 3.64 -6.90
O4 P15 D . 4.14 4.37 -7.29
C8 P15 D . 4.98 4.77 -6.20
C7 P15 D . 6.11 5.63 -6.75
O3 P15 D . 5.59 6.91 -7.08
C6 P15 D . 6.52 7.74 -7.79
C5 P15 D . 7.64 8.21 -6.87
O2 P15 D . 7.12 9.05 -5.83
C4 P15 D . 6.89 8.41 -4.60
C3 P15 D . 6.45 9.46 -3.59
O1 P15 D . 7.58 10.29 -3.33
C2 P15 D . 7.40 11.10 -2.16
C1 P15 D . 8.37 10.61 -1.11
OXT P15 D . 7.72 10.34 0.12
UNK UNX E . 15.38 9.54 -1.48
UNK UNX F . 20.66 13.76 -18.41
UNK UNX G . 10.49 -12.18 -14.67
UNK UNX H . 31.79 -11.31 -5.81
C4 HDG I . -7.77 -14.02 6.06
C3 HDG I . -8.07 -13.31 4.74
C2 HDG I . -8.77 -14.11 3.66
C5 HDG I . -7.01 -13.07 7.03
C6 HDG I . -7.60 -11.66 7.12
C1 HDG I . -8.44 -13.67 2.23
O3 HDG I . -4.67 -11.08 8.71
C8 HDG I . -5.49 -10.49 8.01
N1 HDG I . -5.10 -9.64 7.05
C9 HDG I . -3.69 -9.54 6.68
C10 HDG I . -3.44 -8.85 5.35
C11 HDG I . -1.98 -8.93 4.99
C17 HDG I . -1.41 -10.12 4.52
C16 HDG I . -0.07 -10.21 4.21
C14 HDG I . 0.73 -9.08 4.34
O2 HDG I . 2.04 -9.23 3.93
C15 HDG I . 2.91 -8.09 4.04
C13 HDG I . 0.20 -7.90 4.82
C12 HDG I . -1.15 -7.83 5.14
C7 HDG I . -6.96 -10.81 8.32
N HDG I . -7.04 -11.56 9.59
C18 HDG I . -6.98 -15.31 5.93
N2 HDG I . -6.86 -16.14 7.14
C19 HDG I . -6.15 -17.38 6.77
C20 HDG I . -5.23 -17.89 7.85
C25 HDG I . -3.85 -17.91 7.65
C24 HDG I . -2.99 -18.35 8.65
C23 HDG I . -3.51 -18.78 9.87
C22 HDG I . -4.88 -18.76 10.07
C21 HDG I . -5.73 -18.34 9.07
O1 HDG I . -7.99 -14.74 1.40
O4 HDG I . -10.20 -13.97 3.81
C26 HDG I . -10.78 -13.85 2.53
C HDG I . -9.76 -13.04 1.74
O HDG I . -9.94 -13.17 0.34
N3 HDG I . -12.08 -13.20 2.69
C31 HDG I . -12.34 -12.03 3.34
N7 HDG I . -13.61 -11.71 3.39
C30 HDG I . -14.24 -12.76 2.73
C27 HDG I . -13.30 -13.68 2.28
C29 HDG I . -15.59 -13.05 2.49
N6 HDG I . -16.60 -12.22 2.81
N5 HDG I . -15.88 -14.21 1.87
C28 HDG I . -14.87 -15.00 1.47
N4 HDG I . -13.55 -14.81 1.62
C9 P15 J . -4.79 -3.00 6.78
O4 P15 J . -3.58 -3.72 7.02
C8 P15 J . -3.75 -4.71 8.04
C7 P15 J . -2.46 -5.47 8.36
O3 P15 J . -2.54 -6.06 9.66
C6 P15 J . -3.16 -7.36 9.73
C5 P15 J . -2.31 -8.36 10.53
O2 P15 J . -1.58 -9.33 9.74
C4 P15 J . -0.51 -8.75 8.98
C3 P15 J . 0.17 -9.81 8.11
O1 P15 J . 1.27 -10.39 8.80
C2 P15 J . 2.22 -11.05 7.95
C1 P15 J . 3.28 -10.06 7.48
OXT P15 J . 4.43 -10.76 6.96
UNK UNX K . -5.89 -13.87 28.34
UNK UNX L . -7.28 12.70 17.17
#